data_2LUA
#
_entry.id   2LUA
#
loop_
_entity.id
_entity.type
_entity.pdbx_description
1 polymer 'Protein male-specific lethal-2'
2 non-polymer 'ZINC ION'
#
_entity_poly.entity_id   1
_entity_poly.type   'polypeptide(L)'
_entity_poly.pdbx_seq_one_letter_code
;SPPKPKCRCGISGSSNTLTTCRNSRCPCYKSYNSCAGCHCVGCKNPHKEDYV
;
_entity_poly.pdbx_strand_id   A
#
# COMPACT_ATOMS: atom_id res chain seq x y z
N SER A 1 17.07 5.30 -3.20
CA SER A 1 15.71 4.80 -3.11
C SER A 1 14.76 6.00 -3.11
N PRO A 2 13.56 5.87 -3.75
CA PRO A 2 12.57 6.95 -3.79
C PRO A 2 11.87 7.11 -2.42
N PRO A 3 11.10 8.20 -2.20
CA PRO A 3 10.36 8.38 -0.97
C PRO A 3 9.31 7.28 -0.83
N LYS A 4 9.32 6.61 0.28
CA LYS A 4 8.44 5.49 0.49
C LYS A 4 7.31 5.90 1.42
N PRO A 5 6.09 5.98 0.92
CA PRO A 5 4.92 6.23 1.73
C PRO A 5 4.57 4.98 2.53
N LYS A 6 3.99 5.16 3.67
CA LYS A 6 3.61 4.06 4.49
C LYS A 6 2.14 4.17 4.80
N CYS A 7 1.48 3.05 4.88
CA CYS A 7 0.05 3.03 5.06
C CYS A 7 -0.32 1.99 6.10
N ARG A 8 -1.53 2.06 6.56
CA ARG A 8 -2.06 1.14 7.55
C ARG A 8 -3.34 0.52 7.02
N CYS A 9 -3.40 0.36 5.70
CA CYS A 9 -4.56 -0.21 5.00
C CYS A 9 -4.91 -1.59 5.55
N GLY A 10 -5.97 -1.65 6.29
CA GLY A 10 -6.39 -2.89 6.89
C GLY A 10 -6.61 -2.68 8.35
N ILE A 11 -5.68 -1.96 8.96
CA ILE A 11 -5.77 -1.57 10.35
C ILE A 11 -6.72 -0.38 10.43
N SER A 12 -6.65 0.43 9.41
CA SER A 12 -7.47 1.59 9.26
C SER A 12 -7.69 1.84 7.76
N GLY A 13 -8.44 2.87 7.43
CA GLY A 13 -8.68 3.20 6.06
C GLY A 13 -9.80 2.39 5.49
N SER A 14 -9.45 1.35 4.79
CA SER A 14 -10.42 0.51 4.16
C SER A 14 -9.86 -0.91 4.08
N SER A 15 -10.41 -1.80 4.87
CA SER A 15 -10.04 -3.19 4.83
C SER A 15 -10.84 -3.87 3.73
N ASN A 16 -10.17 -4.59 2.86
CA ASN A 16 -10.80 -5.20 1.70
C ASN A 16 -10.22 -6.57 1.48
N THR A 17 -10.44 -7.16 0.33
CA THR A 17 -9.85 -8.44 0.02
C THR A 17 -8.64 -8.23 -0.88
N LEU A 18 -8.87 -7.64 -2.05
CA LEU A 18 -7.82 -7.37 -3.00
C LEU A 18 -7.54 -5.89 -3.05
N THR A 19 -8.58 -5.11 -2.99
CA THR A 19 -8.49 -3.69 -3.18
C THR A 19 -8.00 -2.92 -1.95
N THR A 20 -7.47 -3.62 -0.95
CA THR A 20 -7.02 -2.99 0.28
C THR A 20 -5.96 -1.91 -0.01
N CYS A 21 -4.81 -2.34 -0.51
CA CYS A 21 -3.78 -1.41 -0.94
C CYS A 21 -3.91 -1.00 -2.40
N ARG A 22 -4.86 -1.61 -3.11
CA ARG A 22 -4.99 -1.37 -4.53
C ARG A 22 -6.01 -0.27 -4.83
N ASN A 23 -6.55 0.34 -3.80
CA ASN A 23 -7.49 1.42 -4.02
C ASN A 23 -6.80 2.75 -3.74
N SER A 24 -7.42 3.83 -4.13
CA SER A 24 -6.81 5.14 -4.06
C SER A 24 -6.70 5.73 -2.63
N ARG A 25 -7.19 5.01 -1.62
CA ARG A 25 -7.02 5.46 -0.23
C ARG A 25 -5.65 5.04 0.26
N CYS A 26 -4.92 4.30 -0.57
CA CYS A 26 -3.60 3.88 -0.23
C CYS A 26 -2.56 4.83 -0.85
N PRO A 27 -1.83 5.59 -0.02
CA PRO A 27 -0.83 6.56 -0.48
C PRO A 27 0.27 5.92 -1.32
N CYS A 28 0.64 4.70 -0.97
CA CYS A 28 1.67 3.93 -1.66
C CYS A 28 1.29 3.72 -3.11
N TYR A 29 0.11 3.14 -3.27
CA TYR A 29 -0.48 2.86 -4.56
C TYR A 29 -0.50 4.09 -5.44
N LYS A 30 -1.09 5.15 -4.91
CA LYS A 30 -1.29 6.38 -5.62
C LYS A 30 0.05 7.05 -5.97
N SER A 31 1.03 6.90 -5.11
CA SER A 31 2.34 7.50 -5.31
C SER A 31 3.36 6.52 -5.92
N TYR A 32 2.86 5.43 -6.55
CA TYR A 32 3.71 4.48 -7.30
C TYR A 32 4.77 3.80 -6.43
N ASN A 33 4.40 3.46 -5.22
CA ASN A 33 5.32 2.80 -4.33
C ASN A 33 4.76 1.56 -3.71
N SER A 34 5.66 0.67 -3.43
CA SER A 34 5.40 -0.56 -2.79
C SER A 34 5.24 -0.37 -1.28
N CYS A 35 4.65 -1.35 -0.65
CA CYS A 35 4.41 -1.31 0.74
C CYS A 35 5.58 -1.89 1.50
N ALA A 36 6.60 -1.12 1.57
CA ALA A 36 7.79 -1.46 2.33
C ALA A 36 7.84 -0.65 3.61
N GLY A 37 7.49 -1.26 4.72
CA GLY A 37 7.49 -0.56 5.99
C GLY A 37 6.10 -0.16 6.43
N CYS A 38 5.10 -0.73 5.80
CA CYS A 38 3.73 -0.39 6.08
C CYS A 38 3.15 -1.33 7.11
N HIS A 39 1.97 -1.00 7.57
CA HIS A 39 1.21 -1.85 8.48
C HIS A 39 -0.09 -2.22 7.82
N CYS A 40 0.01 -2.56 6.58
CA CYS A 40 -1.14 -2.94 5.82
C CYS A 40 -1.39 -4.42 5.95
N VAL A 41 -2.64 -4.77 6.05
CA VAL A 41 -3.06 -6.13 6.24
C VAL A 41 -3.90 -6.53 5.06
N GLY A 42 -3.44 -7.51 4.32
CA GLY A 42 -4.14 -7.94 3.16
C GLY A 42 -3.80 -7.05 2.00
N CYS A 43 -2.52 -6.74 1.92
CA CYS A 43 -2.00 -5.86 0.95
C CYS A 43 -1.86 -6.51 -0.39
N LYS A 44 -2.68 -6.12 -1.30
CA LYS A 44 -2.45 -6.44 -2.66
C LYS A 44 -2.14 -5.13 -3.33
N ASN A 45 -0.87 -4.83 -3.41
CA ASN A 45 -0.41 -3.62 -4.05
C ASN A 45 0.28 -4.02 -5.35
N PRO A 46 -0.24 -3.59 -6.50
CA PRO A 46 0.32 -3.92 -7.82
C PRO A 46 1.59 -3.11 -8.14
N HIS A 47 1.89 -2.14 -7.30
CA HIS A 47 3.08 -1.34 -7.47
C HIS A 47 4.23 -2.00 -6.78
N LYS A 48 4.78 -2.95 -7.46
CA LYS A 48 5.92 -3.67 -6.99
C LYS A 48 7.10 -2.86 -7.50
N GLU A 49 8.09 -2.57 -6.66
CA GLU A 49 9.20 -1.71 -7.09
C GLU A 49 9.93 -2.30 -8.28
N ASP A 50 10.04 -1.51 -9.30
CA ASP A 50 10.68 -1.93 -10.54
C ASP A 50 12.16 -2.01 -10.32
N TYR A 51 12.64 -3.20 -10.14
CA TYR A 51 14.03 -3.42 -9.88
C TYR A 51 14.58 -4.39 -10.91
N VAL A 52 15.08 -3.85 -11.98
CA VAL A 52 15.61 -4.64 -13.05
C VAL A 52 17.14 -4.67 -12.98
N SER A 1 15.64 13.11 -2.43
CA SER A 1 15.15 11.84 -2.95
C SER A 1 13.72 11.60 -2.44
N PRO A 2 12.81 11.14 -3.32
CA PRO A 2 11.40 10.89 -2.95
C PRO A 2 11.26 9.83 -1.86
N PRO A 3 10.68 10.21 -0.71
CA PRO A 3 10.39 9.27 0.37
C PRO A 3 9.25 8.34 -0.04
N LYS A 4 9.31 7.12 0.39
CA LYS A 4 8.30 6.18 0.00
C LYS A 4 7.24 6.04 1.09
N PRO A 5 5.97 6.41 0.77
CA PRO A 5 4.85 6.36 1.71
C PRO A 5 4.61 4.99 2.30
N LYS A 6 4.08 5.00 3.50
CA LYS A 6 3.75 3.82 4.24
C LYS A 6 2.30 3.97 4.65
N CYS A 7 1.61 2.88 4.84
CA CYS A 7 0.20 2.94 5.14
C CYS A 7 -0.17 1.95 6.22
N ARG A 8 -1.39 2.09 6.70
CA ARG A 8 -1.96 1.24 7.73
C ARG A 8 -3.26 0.64 7.17
N CYS A 9 -3.30 0.49 5.85
CA CYS A 9 -4.44 -0.09 5.14
C CYS A 9 -4.80 -1.44 5.73
N GLY A 10 -6.06 -1.65 5.95
CA GLY A 10 -6.50 -2.88 6.57
C GLY A 10 -6.94 -2.55 7.96
N ILE A 11 -6.17 -1.69 8.59
CA ILE A 11 -6.48 -1.17 9.89
C ILE A 11 -7.32 0.08 9.66
N SER A 12 -6.91 0.85 8.67
CA SER A 12 -7.61 2.03 8.21
C SER A 12 -7.27 2.27 6.74
N GLY A 13 -8.25 2.08 5.88
CA GLY A 13 -8.09 2.32 4.47
C GLY A 13 -9.39 2.15 3.73
N SER A 14 -9.92 0.95 3.83
CA SER A 14 -11.18 0.58 3.22
C SER A 14 -11.58 -0.79 3.76
N SER A 15 -12.85 -1.13 3.67
CA SER A 15 -13.30 -2.42 4.12
C SER A 15 -13.21 -3.39 2.95
N ASN A 16 -12.03 -3.87 2.73
CA ASN A 16 -11.74 -4.74 1.62
C ASN A 16 -10.52 -5.53 2.04
N THR A 17 -10.42 -6.74 1.59
CA THR A 17 -9.35 -7.60 1.97
C THR A 17 -8.31 -7.79 0.86
N LEU A 18 -8.64 -7.35 -0.35
CA LEU A 18 -7.73 -7.50 -1.47
C LEU A 18 -7.41 -6.17 -2.16
N THR A 19 -8.44 -5.38 -2.44
CA THR A 19 -8.22 -4.13 -3.16
C THR A 19 -7.84 -3.00 -2.16
N THR A 20 -7.53 -3.39 -0.96
CA THR A 20 -7.17 -2.53 0.15
C THR A 20 -6.02 -1.57 -0.23
N CYS A 21 -4.88 -2.13 -0.53
CA CYS A 21 -3.73 -1.34 -0.97
C CYS A 21 -3.72 -1.12 -2.47
N ARG A 22 -4.67 -1.73 -3.14
CA ARG A 22 -4.75 -1.71 -4.59
C ARG A 22 -5.69 -0.61 -5.08
N ASN A 23 -6.14 0.23 -4.17
CA ASN A 23 -7.03 1.32 -4.55
C ASN A 23 -6.37 2.65 -4.20
N SER A 24 -6.92 3.74 -4.68
CA SER A 24 -6.30 5.04 -4.58
C SER A 24 -6.34 5.68 -3.18
N ARG A 25 -6.95 5.01 -2.21
CA ARG A 25 -6.97 5.53 -0.84
C ARG A 25 -5.69 5.14 -0.13
N CYS A 26 -4.96 4.22 -0.74
CA CYS A 26 -3.68 3.81 -0.23
C CYS A 26 -2.63 4.80 -0.74
N PRO A 27 -1.98 5.56 0.19
CA PRO A 27 -1.02 6.61 -0.17
C PRO A 27 0.16 6.07 -0.96
N CYS A 28 0.46 4.80 -0.73
CA CYS A 28 1.53 4.11 -1.41
C CYS A 28 1.19 3.97 -2.87
N TYR A 29 0.10 3.28 -3.13
CA TYR A 29 -0.41 3.03 -4.48
C TYR A 29 -0.59 4.34 -5.23
N LYS A 30 -1.18 5.30 -4.55
CA LYS A 30 -1.49 6.57 -5.15
C LYS A 30 -0.21 7.35 -5.50
N SER A 31 0.87 7.05 -4.79
CA SER A 31 2.16 7.68 -5.04
C SER A 31 3.09 6.72 -5.82
N TYR A 32 2.48 5.67 -6.40
CA TYR A 32 3.18 4.68 -7.24
C TYR A 32 4.19 3.85 -6.44
N ASN A 33 3.99 3.79 -5.15
CA ASN A 33 4.91 3.10 -4.27
C ASN A 33 4.38 1.77 -3.79
N SER A 34 5.30 1.00 -3.30
CA SER A 34 5.05 -0.29 -2.77
C SER A 34 4.79 -0.21 -1.28
N CYS A 35 4.35 -1.30 -0.72
CA CYS A 35 4.11 -1.37 0.68
C CYS A 35 5.23 -2.09 1.38
N ALA A 36 6.34 -1.43 1.44
CA ALA A 36 7.51 -1.90 2.15
C ALA A 36 7.73 -1.00 3.33
N GLY A 37 7.54 -1.54 4.52
CA GLY A 37 7.64 -0.74 5.70
C GLY A 37 6.27 -0.32 6.18
N CYS A 38 5.28 -0.96 5.61
CA CYS A 38 3.91 -0.68 5.96
C CYS A 38 3.45 -1.67 6.99
N HIS A 39 2.35 -1.37 7.60
CA HIS A 39 1.77 -2.27 8.58
C HIS A 39 0.38 -2.64 8.11
N CYS A 40 0.23 -2.59 6.81
CA CYS A 40 -1.01 -2.87 6.15
C CYS A 40 -1.38 -4.35 6.21
N VAL A 41 -2.65 -4.60 6.33
CA VAL A 41 -3.21 -5.94 6.43
C VAL A 41 -4.05 -6.19 5.18
N GLY A 42 -3.78 -7.29 4.50
CA GLY A 42 -4.51 -7.59 3.28
C GLY A 42 -4.01 -6.73 2.15
N CYS A 43 -2.71 -6.67 2.03
CA CYS A 43 -2.12 -5.82 1.07
C CYS A 43 -1.90 -6.51 -0.23
N LYS A 44 -2.65 -6.12 -1.21
CA LYS A 44 -2.35 -6.50 -2.54
C LYS A 44 -1.96 -5.24 -3.25
N ASN A 45 -0.70 -4.99 -3.30
CA ASN A 45 -0.20 -3.83 -3.98
C ASN A 45 0.47 -4.29 -5.25
N PRO A 46 -0.05 -3.87 -6.42
CA PRO A 46 0.53 -4.21 -7.73
C PRO A 46 1.96 -3.70 -7.90
N HIS A 47 2.33 -2.70 -7.11
CA HIS A 47 3.64 -2.12 -7.20
C HIS A 47 4.58 -2.92 -6.34
N LYS A 48 5.22 -3.85 -6.95
CA LYS A 48 6.21 -4.63 -6.27
C LYS A 48 7.54 -3.96 -6.57
N GLU A 49 7.90 -3.02 -5.74
CA GLU A 49 9.09 -2.24 -5.90
C GLU A 49 10.22 -2.85 -5.12
N ASP A 50 10.85 -3.79 -5.73
CA ASP A 50 11.92 -4.56 -5.14
C ASP A 50 12.43 -5.40 -6.25
N TYR A 51 13.63 -5.15 -6.67
CA TYR A 51 14.14 -5.83 -7.84
C TYR A 51 14.58 -7.26 -7.61
N VAL A 52 13.59 -8.06 -7.38
CA VAL A 52 13.68 -9.47 -7.24
C VAL A 52 12.57 -10.01 -8.12
N SER A 1 14.75 6.83 -6.48
CA SER A 1 13.39 6.58 -6.10
C SER A 1 13.10 7.23 -4.74
N PRO A 2 11.86 7.69 -4.50
CA PRO A 2 11.51 8.36 -3.24
C PRO A 2 11.38 7.36 -2.06
N PRO A 3 11.36 7.85 -0.81
CA PRO A 3 11.13 7.01 0.36
C PRO A 3 9.75 6.36 0.31
N LYS A 4 9.63 5.21 0.92
CA LYS A 4 8.41 4.45 0.90
C LYS A 4 7.35 5.05 1.81
N PRO A 5 6.18 5.40 1.28
CA PRO A 5 5.06 5.82 2.09
C PRO A 5 4.52 4.62 2.85
N LYS A 6 4.09 4.82 4.05
CA LYS A 6 3.64 3.73 4.85
C LYS A 6 2.14 3.82 4.99
N CYS A 7 1.45 2.72 4.78
CA CYS A 7 0.02 2.70 4.87
C CYS A 7 -0.45 1.72 5.93
N ARG A 8 -1.67 1.89 6.36
CA ARG A 8 -2.28 1.09 7.44
C ARG A 8 -3.59 0.51 6.93
N CYS A 9 -3.58 0.20 5.64
CA CYS A 9 -4.72 -0.36 4.94
C CYS A 9 -5.19 -1.65 5.59
N GLY A 10 -6.48 -1.71 5.84
CA GLY A 10 -7.05 -2.89 6.40
C GLY A 10 -7.43 -2.69 7.84
N ILE A 11 -6.67 -1.90 8.55
CA ILE A 11 -6.93 -1.68 9.95
C ILE A 11 -7.89 -0.53 10.13
N SER A 12 -7.55 0.60 9.57
CA SER A 12 -8.36 1.79 9.67
C SER A 12 -8.45 2.48 8.31
N GLY A 13 -7.30 2.64 7.68
CA GLY A 13 -7.24 3.24 6.38
C GLY A 13 -7.65 2.26 5.32
N SER A 14 -8.33 2.76 4.30
CA SER A 14 -8.86 1.96 3.20
C SER A 14 -10.02 1.05 3.65
N SER A 15 -11.17 1.28 3.07
CA SER A 15 -12.33 0.52 3.38
C SER A 15 -12.27 -0.81 2.64
N ASN A 16 -11.59 -0.79 1.49
CA ASN A 16 -11.35 -2.00 0.76
C ASN A 16 -10.40 -2.84 1.56
N THR A 17 -10.89 -3.93 2.09
CA THR A 17 -10.10 -4.75 2.96
C THR A 17 -9.37 -5.85 2.15
N LEU A 18 -9.82 -6.06 0.93
CA LEU A 18 -9.17 -7.00 0.04
C LEU A 18 -8.40 -6.23 -1.03
N THR A 19 -8.96 -5.12 -1.43
CA THR A 19 -8.37 -4.25 -2.43
C THR A 19 -7.65 -3.10 -1.69
N THR A 20 -7.10 -3.45 -0.54
CA THR A 20 -6.47 -2.55 0.41
C THR A 20 -5.51 -1.55 -0.21
N CYS A 21 -4.47 -2.06 -0.77
CA CYS A 21 -3.47 -1.24 -1.38
C CYS A 21 -3.71 -0.93 -2.84
N ARG A 22 -4.75 -1.50 -3.40
CA ARG A 22 -5.01 -1.34 -4.82
C ARG A 22 -6.22 -0.41 -5.04
N ASN A 23 -6.44 0.49 -4.12
CA ASN A 23 -7.51 1.46 -4.27
C ASN A 23 -6.95 2.84 -4.07
N SER A 24 -7.75 3.83 -4.42
CA SER A 24 -7.34 5.22 -4.43
C SER A 24 -6.98 5.80 -3.05
N ARG A 25 -7.35 5.12 -1.98
CA ARG A 25 -7.07 5.65 -0.65
C ARG A 25 -5.72 5.20 -0.13
N CYS A 26 -5.00 4.40 -0.90
CA CYS A 26 -3.69 3.93 -0.46
C CYS A 26 -2.58 4.88 -0.96
N PRO A 27 -1.83 5.50 -0.01
CA PRO A 27 -0.77 6.46 -0.36
C PRO A 27 0.34 5.82 -1.20
N CYS A 28 0.59 4.54 -0.98
CA CYS A 28 1.59 3.81 -1.75
C CYS A 28 1.17 3.75 -3.20
N TYR A 29 -0.02 3.24 -3.40
CA TYR A 29 -0.62 3.05 -4.71
C TYR A 29 -0.64 4.36 -5.50
N LYS A 30 -1.16 5.39 -4.89
CA LYS A 30 -1.37 6.66 -5.56
C LYS A 30 -0.03 7.37 -5.85
N SER A 31 0.98 7.07 -5.04
CA SER A 31 2.31 7.64 -5.21
C SER A 31 3.18 6.67 -6.04
N TYR A 32 2.56 5.55 -6.45
CA TYR A 32 3.19 4.52 -7.28
C TYR A 32 4.36 3.82 -6.57
N ASN A 33 4.26 3.70 -5.27
CA ASN A 33 5.29 3.04 -4.46
C ASN A 33 4.82 1.73 -3.87
N SER A 34 5.75 0.95 -3.39
CA SER A 34 5.51 -0.34 -2.82
C SER A 34 5.39 -0.32 -1.29
N CYS A 35 4.92 -1.43 -0.74
CA CYS A 35 4.69 -1.55 0.67
C CYS A 35 5.85 -2.16 1.38
N ALA A 36 6.84 -1.38 1.55
CA ALA A 36 7.97 -1.75 2.37
C ALA A 36 7.94 -0.96 3.66
N GLY A 37 7.65 -1.64 4.76
CA GLY A 37 7.64 -1.00 6.07
C GLY A 37 6.26 -0.51 6.46
N CYS A 38 5.26 -0.96 5.73
CA CYS A 38 3.90 -0.55 5.96
C CYS A 38 3.27 -1.37 7.07
N HIS A 39 2.13 -0.93 7.55
CA HIS A 39 1.46 -1.59 8.65
C HIS A 39 0.14 -2.19 8.13
N CYS A 40 0.01 -2.18 6.82
CA CYS A 40 -1.17 -2.66 6.15
C CYS A 40 -1.29 -4.18 6.21
N VAL A 41 -2.50 -4.64 6.35
CA VAL A 41 -2.76 -6.06 6.53
C VAL A 41 -3.47 -6.59 5.29
N GLY A 42 -2.89 -7.61 4.69
CA GLY A 42 -3.43 -8.22 3.49
C GLY A 42 -3.51 -7.22 2.37
N CYS A 43 -2.39 -6.61 2.08
CA CYS A 43 -2.37 -5.59 1.07
C CYS A 43 -2.12 -6.16 -0.31
N LYS A 44 -2.93 -5.77 -1.24
CA LYS A 44 -2.69 -6.09 -2.61
C LYS A 44 -2.21 -4.85 -3.30
N ASN A 45 -0.93 -4.70 -3.40
CA ASN A 45 -0.36 -3.57 -4.06
C ASN A 45 0.26 -4.06 -5.34
N PRO A 46 -0.21 -3.54 -6.50
CA PRO A 46 0.37 -3.88 -7.81
C PRO A 46 1.87 -3.56 -7.86
N HIS A 47 2.26 -2.56 -7.11
CA HIS A 47 3.62 -2.11 -7.08
C HIS A 47 4.41 -2.90 -6.07
N LYS A 48 5.13 -3.86 -6.56
CA LYS A 48 6.02 -4.62 -5.72
C LYS A 48 7.45 -4.36 -6.16
N GLU A 49 7.61 -3.23 -6.85
CA GLU A 49 8.89 -2.73 -7.33
C GLU A 49 9.79 -2.48 -6.14
N ASP A 50 11.07 -2.80 -6.27
CA ASP A 50 12.09 -2.68 -5.18
C ASP A 50 11.98 -3.81 -4.15
N TYR A 51 10.81 -4.30 -3.99
CA TYR A 51 10.57 -5.36 -3.04
C TYR A 51 10.79 -6.71 -3.72
N VAL A 52 12.04 -7.05 -3.88
CA VAL A 52 12.43 -8.28 -4.50
C VAL A 52 12.89 -9.28 -3.47
N SER A 1 17.47 3.93 -1.19
CA SER A 1 16.05 4.07 -1.32
C SER A 1 15.63 5.43 -0.79
N PRO A 2 14.66 6.09 -1.44
CA PRO A 2 14.16 7.38 -1.02
C PRO A 2 13.07 7.24 0.06
N PRO A 3 12.80 8.33 0.82
CA PRO A 3 11.71 8.35 1.81
C PRO A 3 10.39 7.92 1.18
N LYS A 4 9.71 7.00 1.82
CA LYS A 4 8.52 6.40 1.29
C LYS A 4 7.39 6.44 2.34
N PRO A 5 6.15 6.72 1.93
CA PRO A 5 5.00 6.74 2.83
C PRO A 5 4.61 5.35 3.30
N LYS A 6 4.22 5.23 4.54
CA LYS A 6 3.79 3.97 5.07
C LYS A 6 2.30 4.02 5.38
N CYS A 7 1.57 3.16 4.75
CA CYS A 7 0.15 3.11 4.93
C CYS A 7 -0.18 2.12 6.03
N ARG A 8 -1.33 2.28 6.61
CA ARG A 8 -1.80 1.44 7.68
C ARG A 8 -3.17 0.89 7.25
N CYS A 9 -3.23 0.54 5.97
CA CYS A 9 -4.42 -0.01 5.34
C CYS A 9 -4.78 -1.38 5.94
N GLY A 10 -6.05 -1.61 6.16
CA GLY A 10 -6.51 -2.91 6.60
C GLY A 10 -6.83 -2.92 8.07
N ILE A 11 -5.91 -2.39 8.85
CA ILE A 11 -6.05 -2.34 10.30
C ILE A 11 -7.16 -1.39 10.68
N SER A 12 -7.25 -0.31 9.96
CA SER A 12 -8.22 0.69 10.21
C SER A 12 -8.64 1.29 8.88
N GLY A 13 -9.73 2.01 8.86
CA GLY A 13 -10.23 2.61 7.67
C GLY A 13 -11.30 1.74 7.05
N SER A 14 -10.89 0.57 6.65
CA SER A 14 -11.78 -0.37 6.06
C SER A 14 -11.20 -1.75 6.27
N SER A 15 -12.02 -2.67 6.71
CA SER A 15 -11.60 -4.02 6.91
C SER A 15 -11.78 -4.78 5.62
N ASN A 16 -10.74 -4.83 4.85
CA ASN A 16 -10.76 -5.50 3.58
C ASN A 16 -9.39 -6.06 3.30
N THR A 17 -9.35 -7.25 2.79
CA THR A 17 -8.10 -7.93 2.47
C THR A 17 -7.92 -8.07 0.92
N LEU A 18 -8.88 -7.53 0.18
CA LEU A 18 -8.98 -7.78 -1.26
C LEU A 18 -8.36 -6.66 -2.11
N THR A 19 -8.85 -5.45 -1.96
CA THR A 19 -8.44 -4.34 -2.81
C THR A 19 -7.86 -3.20 -1.98
N THR A 20 -7.53 -3.51 -0.76
CA THR A 20 -7.08 -2.61 0.27
C THR A 20 -5.97 -1.64 -0.21
N CYS A 21 -4.82 -2.17 -0.55
CA CYS A 21 -3.71 -1.35 -1.04
C CYS A 21 -3.75 -1.10 -2.54
N ARG A 22 -4.70 -1.74 -3.21
CA ARG A 22 -4.79 -1.67 -4.66
C ARG A 22 -5.70 -0.53 -5.12
N ASN A 23 -6.35 0.11 -4.20
CA ASN A 23 -7.27 1.17 -4.58
C ASN A 23 -6.70 2.52 -4.21
N SER A 24 -7.39 3.58 -4.61
CA SER A 24 -6.94 4.95 -4.48
C SER A 24 -6.85 5.46 -3.02
N ARG A 25 -7.26 4.64 -2.04
CA ARG A 25 -7.16 5.06 -0.66
C ARG A 25 -5.82 4.68 -0.07
N CYS A 26 -4.99 4.05 -0.86
CA CYS A 26 -3.69 3.73 -0.41
C CYS A 26 -2.70 4.73 -0.99
N PRO A 27 -2.07 5.55 -0.13
CA PRO A 27 -1.13 6.60 -0.54
C PRO A 27 0.08 6.02 -1.26
N CYS A 28 0.37 4.77 -0.98
CA CYS A 28 1.49 4.09 -1.59
C CYS A 28 1.21 3.85 -3.05
N TYR A 29 0.14 3.10 -3.31
CA TYR A 29 -0.29 2.74 -4.65
C TYR A 29 -0.45 3.97 -5.53
N LYS A 30 -1.15 4.96 -5.01
CA LYS A 30 -1.47 6.14 -5.76
C LYS A 30 -0.20 6.96 -6.06
N SER A 31 0.74 6.96 -5.15
CA SER A 31 1.97 7.73 -5.33
C SER A 31 3.12 6.85 -5.85
N TYR A 32 2.76 5.70 -6.41
CA TYR A 32 3.68 4.77 -7.09
C TYR A 32 4.67 4.05 -6.15
N ASN A 33 4.39 4.05 -4.87
CA ASN A 33 5.27 3.43 -3.89
C ASN A 33 4.87 1.99 -3.58
N SER A 34 5.72 1.30 -2.86
CA SER A 34 5.52 -0.06 -2.49
C SER A 34 5.06 -0.14 -1.03
N CYS A 35 4.55 -1.29 -0.62
CA CYS A 35 4.07 -1.45 0.74
C CYS A 35 4.99 -2.28 1.59
N ALA A 36 6.18 -2.48 1.13
CA ALA A 36 7.18 -3.15 1.91
C ALA A 36 7.66 -2.17 2.97
N GLY A 37 7.30 -2.45 4.21
CA GLY A 37 7.65 -1.56 5.29
C GLY A 37 6.44 -0.78 5.81
N CYS A 38 5.26 -1.17 5.38
CA CYS A 38 4.03 -0.51 5.81
C CYS A 38 3.38 -1.26 6.95
N HIS A 39 2.21 -0.80 7.35
CA HIS A 39 1.40 -1.44 8.38
C HIS A 39 0.10 -1.85 7.74
N CYS A 40 0.20 -2.26 6.51
CA CYS A 40 -0.95 -2.66 5.76
C CYS A 40 -1.17 -4.14 5.86
N VAL A 41 -2.37 -4.48 6.16
CA VAL A 41 -2.79 -5.85 6.29
C VAL A 41 -3.77 -6.12 5.17
N GLY A 42 -3.48 -7.12 4.38
CA GLY A 42 -4.31 -7.40 3.25
C GLY A 42 -3.86 -6.56 2.11
N CYS A 43 -2.57 -6.37 2.03
CA CYS A 43 -1.98 -5.56 1.06
C CYS A 43 -1.88 -6.27 -0.24
N LYS A 44 -2.66 -5.85 -1.17
CA LYS A 44 -2.51 -6.27 -2.50
C LYS A 44 -2.11 -5.03 -3.23
N ASN A 45 -0.84 -4.82 -3.36
CA ASN A 45 -0.32 -3.66 -4.06
C ASN A 45 0.34 -4.07 -5.36
N PRO A 46 -0.22 -3.64 -6.51
CA PRO A 46 0.33 -3.91 -7.86
C PRO A 46 1.75 -3.36 -8.09
N HIS A 47 2.29 -2.64 -7.13
CA HIS A 47 3.67 -2.19 -7.20
C HIS A 47 4.53 -3.20 -6.52
N LYS A 48 5.65 -3.49 -7.11
CA LYS A 48 6.56 -4.46 -6.55
C LYS A 48 7.29 -3.90 -5.35
N GLU A 49 8.09 -4.74 -4.75
CA GLU A 49 8.83 -4.37 -3.57
C GLU A 49 10.01 -3.50 -3.95
N ASP A 50 10.61 -2.90 -2.96
CA ASP A 50 11.78 -2.06 -3.13
C ASP A 50 12.92 -2.92 -3.64
N TYR A 51 13.70 -2.37 -4.52
CA TYR A 51 14.84 -3.07 -5.03
C TYR A 51 16.05 -2.86 -4.12
N VAL A 52 16.04 -3.59 -3.04
CA VAL A 52 17.06 -3.49 -2.03
C VAL A 52 17.87 -4.77 -1.96
N SER A 1 16.41 7.70 -3.90
CA SER A 1 15.71 6.93 -2.90
C SER A 1 14.87 7.87 -2.02
N PRO A 2 13.58 8.03 -2.34
CA PRO A 2 12.69 8.95 -1.61
C PRO A 2 12.06 8.32 -0.36
N PRO A 3 11.61 9.13 0.62
CA PRO A 3 10.92 8.64 1.81
C PRO A 3 9.52 8.14 1.43
N LYS A 4 9.21 6.94 1.80
CA LYS A 4 7.95 6.33 1.43
C LYS A 4 6.92 6.53 2.52
N PRO A 5 5.68 6.89 2.17
CA PRO A 5 4.60 6.84 3.11
C PRO A 5 4.23 5.39 3.37
N LYS A 6 4.10 5.06 4.59
CA LYS A 6 3.81 3.72 4.97
C LYS A 6 2.40 3.61 5.46
N CYS A 7 1.61 2.93 4.70
CA CYS A 7 0.20 2.84 4.96
C CYS A 7 -0.10 1.81 6.03
N ARG A 8 -1.11 2.11 6.83
CA ARG A 8 -1.59 1.24 7.86
C ARG A 8 -2.95 0.69 7.45
N CYS A 9 -3.08 0.46 6.14
CA CYS A 9 -4.29 -0.09 5.52
C CYS A 9 -4.66 -1.42 6.17
N GLY A 10 -5.93 -1.67 6.29
CA GLY A 10 -6.39 -2.87 6.90
C GLY A 10 -6.73 -2.59 8.33
N ILE A 11 -5.88 -1.84 8.98
CA ILE A 11 -6.07 -1.49 10.37
C ILE A 11 -6.88 -0.21 10.46
N SER A 12 -6.48 0.77 9.67
CA SER A 12 -7.13 2.07 9.67
C SER A 12 -8.41 2.09 8.81
N GLY A 13 -8.61 1.05 8.03
CA GLY A 13 -9.78 1.01 7.19
C GLY A 13 -9.75 -0.18 6.27
N SER A 14 -10.90 -0.63 5.85
CA SER A 14 -11.02 -1.76 4.97
C SER A 14 -12.24 -1.61 4.07
N SER A 15 -12.02 -1.21 2.86
CA SER A 15 -13.09 -1.10 1.91
C SER A 15 -13.33 -2.52 1.37
N ASN A 16 -12.27 -3.10 0.86
CA ASN A 16 -12.24 -4.46 0.37
C ASN A 16 -10.85 -4.95 0.60
N THR A 17 -10.70 -5.99 1.38
CA THR A 17 -9.40 -6.50 1.81
C THR A 17 -8.56 -7.08 0.63
N LEU A 18 -9.16 -7.23 -0.53
CA LEU A 18 -8.43 -7.71 -1.67
C LEU A 18 -7.99 -6.54 -2.55
N THR A 19 -8.42 -5.33 -2.19
CA THR A 19 -8.10 -4.16 -2.99
C THR A 19 -7.71 -2.99 -2.06
N THR A 20 -7.37 -3.32 -0.81
CA THR A 20 -7.04 -2.34 0.22
C THR A 20 -5.93 -1.38 -0.25
N CYS A 21 -4.81 -1.95 -0.60
CA CYS A 21 -3.68 -1.20 -1.09
C CYS A 21 -3.72 -0.97 -2.60
N ARG A 22 -4.70 -1.55 -3.27
CA ARG A 22 -4.77 -1.49 -4.73
C ARG A 22 -5.81 -0.44 -5.19
N ASN A 23 -6.30 0.34 -4.27
CA ASN A 23 -7.26 1.35 -4.65
C ASN A 23 -6.68 2.74 -4.46
N SER A 24 -7.32 3.73 -5.02
CA SER A 24 -6.87 5.12 -5.05
C SER A 24 -6.67 5.74 -3.65
N ARG A 25 -7.30 5.14 -2.66
CA ARG A 25 -7.22 5.64 -1.30
C ARG A 25 -5.98 5.15 -0.56
N CYS A 26 -5.15 4.39 -1.23
CA CYS A 26 -3.90 3.96 -0.62
C CYS A 26 -2.77 4.86 -1.11
N PRO A 27 -2.03 5.50 -0.18
CA PRO A 27 -0.94 6.45 -0.52
C PRO A 27 0.22 5.77 -1.24
N CYS A 28 0.26 4.47 -1.17
CA CYS A 28 1.28 3.73 -1.86
C CYS A 28 0.92 3.58 -3.32
N TYR A 29 -0.21 2.96 -3.56
CA TYR A 29 -0.72 2.70 -4.91
C TYR A 29 -0.76 3.96 -5.77
N LYS A 30 -1.44 4.96 -5.26
CA LYS A 30 -1.72 6.17 -6.00
C LYS A 30 -0.46 7.03 -6.20
N SER A 31 0.46 6.98 -5.27
CA SER A 31 1.67 7.79 -5.37
C SER A 31 2.89 6.97 -5.80
N TYR A 32 2.65 5.75 -6.32
CA TYR A 32 3.70 4.87 -6.87
C TYR A 32 4.72 4.39 -5.81
N ASN A 33 4.27 4.20 -4.60
CA ASN A 33 5.15 3.70 -3.55
C ASN A 33 4.90 2.24 -3.35
N SER A 34 5.83 1.60 -2.73
CA SER A 34 5.81 0.20 -2.51
C SER A 34 5.31 -0.13 -1.11
N CYS A 35 4.66 -1.26 -0.96
CA CYS A 35 4.29 -1.72 0.34
C CYS A 35 5.34 -2.60 0.92
N ALA A 36 6.42 -1.96 1.22
CA ALA A 36 7.54 -2.56 1.86
C ALA A 36 7.87 -1.68 3.02
N GLY A 37 7.58 -2.14 4.20
CA GLY A 37 7.76 -1.34 5.38
C GLY A 37 6.44 -0.80 5.88
N CYS A 38 5.37 -1.26 5.29
CA CYS A 38 4.04 -0.85 5.66
C CYS A 38 3.46 -1.84 6.63
N HIS A 39 2.51 -1.41 7.41
CA HIS A 39 1.87 -2.27 8.39
C HIS A 39 0.46 -2.59 7.93
N CYS A 40 0.30 -2.57 6.64
CA CYS A 40 -0.95 -2.87 6.01
C CYS A 40 -1.29 -4.34 6.09
N VAL A 41 -2.48 -4.59 6.51
CA VAL A 41 -3.03 -5.93 6.64
C VAL A 41 -3.98 -6.16 5.49
N GLY A 42 -3.77 -7.24 4.77
CA GLY A 42 -4.59 -7.52 3.61
C GLY A 42 -4.17 -6.60 2.47
N CYS A 43 -2.90 -6.60 2.21
CA CYS A 43 -2.34 -5.75 1.23
C CYS A 43 -2.27 -6.43 -0.10
N LYS A 44 -2.86 -5.83 -1.09
CA LYS A 44 -2.64 -6.23 -2.42
C LYS A 44 -2.13 -5.01 -3.12
N ASN A 45 -0.85 -4.89 -3.18
CA ASN A 45 -0.27 -3.78 -3.86
C ASN A 45 0.43 -4.30 -5.10
N PRO A 46 0.01 -3.85 -6.28
CA PRO A 46 0.68 -4.20 -7.53
C PRO A 46 2.04 -3.49 -7.63
N HIS A 47 2.25 -2.52 -6.77
CA HIS A 47 3.48 -1.77 -6.74
C HIS A 47 4.40 -2.35 -5.70
N LYS A 48 5.31 -3.14 -6.15
CA LYS A 48 6.34 -3.69 -5.32
C LYS A 48 7.52 -2.78 -5.38
N GLU A 49 8.51 -3.02 -4.56
CA GLU A 49 9.59 -2.11 -4.45
C GLU A 49 10.57 -2.23 -5.59
N ASP A 50 10.42 -1.34 -6.53
CA ASP A 50 11.30 -1.26 -7.65
C ASP A 50 12.42 -0.35 -7.28
N TYR A 51 13.57 -0.88 -7.23
CA TYR A 51 14.72 -0.15 -6.83
C TYR A 51 15.90 -0.69 -7.60
N VAL A 52 16.62 0.17 -8.27
CA VAL A 52 17.76 -0.25 -9.02
C VAL A 52 18.99 -0.32 -8.13
N SER A 1 16.12 5.42 -2.97
CA SER A 1 14.72 5.24 -2.70
C SER A 1 14.26 6.38 -1.81
N PRO A 2 13.46 7.34 -2.37
CA PRO A 2 12.90 8.43 -1.59
C PRO A 2 11.97 7.87 -0.51
N PRO A 3 11.85 8.58 0.63
CA PRO A 3 10.97 8.14 1.72
C PRO A 3 9.55 7.91 1.22
N LYS A 4 9.02 6.74 1.49
CA LYS A 4 7.72 6.41 1.01
C LYS A 4 6.74 6.31 2.17
N PRO A 5 5.46 6.64 1.93
CA PRO A 5 4.42 6.60 2.96
C PRO A 5 4.14 5.17 3.43
N LYS A 6 3.83 5.02 4.70
CA LYS A 6 3.48 3.73 5.24
C LYS A 6 2.03 3.76 5.61
N CYS A 7 1.27 3.00 4.92
CA CYS A 7 -0.15 2.96 5.14
C CYS A 7 -0.48 1.87 6.13
N ARG A 8 -1.58 2.05 6.83
CA ARG A 8 -2.04 1.10 7.83
C ARG A 8 -3.29 0.42 7.32
N CYS A 9 -3.33 0.26 6.01
CA CYS A 9 -4.44 -0.39 5.31
C CYS A 9 -4.69 -1.79 5.86
N GLY A 10 -5.92 -2.12 6.04
CA GLY A 10 -6.28 -3.41 6.56
C GLY A 10 -6.61 -3.29 8.01
N ILE A 11 -5.82 -2.51 8.69
CA ILE A 11 -6.08 -2.15 10.06
C ILE A 11 -7.10 -1.04 9.97
N SER A 12 -6.81 -0.13 9.09
CA SER A 12 -7.67 0.93 8.72
C SER A 12 -7.89 0.77 7.21
N GLY A 13 -9.03 0.23 6.83
CA GLY A 13 -9.27 -0.01 5.44
C GLY A 13 -10.74 -0.13 5.12
N SER A 14 -11.37 0.97 4.88
CA SER A 14 -12.77 1.02 4.59
C SER A 14 -13.03 0.84 3.09
N SER A 15 -12.00 0.99 2.30
CA SER A 15 -12.10 0.94 0.87
C SER A 15 -11.83 -0.47 0.32
N ASN A 16 -12.56 -1.46 0.86
CA ASN A 16 -12.49 -2.90 0.48
C ASN A 16 -11.22 -3.54 1.00
N THR A 17 -11.37 -4.54 1.84
CA THR A 17 -10.23 -5.25 2.41
C THR A 17 -9.56 -6.19 1.39
N LEU A 18 -10.14 -6.29 0.21
CA LEU A 18 -9.58 -7.10 -0.86
C LEU A 18 -8.79 -6.23 -1.83
N THR A 19 -9.00 -4.94 -1.73
CA THR A 19 -8.41 -4.00 -2.66
C THR A 19 -7.84 -2.82 -1.86
N THR A 20 -7.49 -3.14 -0.63
CA THR A 20 -7.04 -2.20 0.39
C THR A 20 -5.96 -1.24 -0.13
N CYS A 21 -4.84 -1.79 -0.49
CA CYS A 21 -3.73 -1.04 -1.03
C CYS A 21 -3.82 -0.88 -2.53
N ARG A 22 -4.79 -1.52 -3.13
CA ARG A 22 -4.87 -1.61 -4.58
C ARG A 22 -5.91 -0.63 -5.13
N ASN A 23 -6.21 0.40 -4.39
CA ASN A 23 -7.15 1.39 -4.86
C ASN A 23 -6.54 2.78 -4.69
N SER A 24 -7.14 3.75 -5.35
CA SER A 24 -6.64 5.11 -5.43
C SER A 24 -6.69 5.91 -4.11
N ARG A 25 -7.18 5.30 -3.03
CA ARG A 25 -7.20 5.98 -1.75
C ARG A 25 -5.99 5.57 -0.94
N CYS A 26 -5.24 4.59 -1.42
CA CYS A 26 -4.04 4.16 -0.73
C CYS A 26 -2.89 5.07 -1.14
N PRO A 27 -2.26 5.76 -0.15
CA PRO A 27 -1.19 6.75 -0.42
C PRO A 27 0.02 6.14 -1.13
N CYS A 28 0.19 4.85 -0.98
CA CYS A 28 1.29 4.16 -1.63
C CYS A 28 1.00 3.96 -3.11
N TYR A 29 -0.07 3.21 -3.38
CA TYR A 29 -0.53 2.85 -4.74
C TYR A 29 -0.54 4.04 -5.68
N LYS A 30 -1.24 5.07 -5.25
CA LYS A 30 -1.46 6.27 -6.03
C LYS A 30 -0.11 6.98 -6.29
N SER A 31 0.75 6.97 -5.30
CA SER A 31 2.01 7.67 -5.40
C SER A 31 3.12 6.76 -5.95
N TYR A 32 2.72 5.62 -6.55
CA TYR A 32 3.64 4.65 -7.19
C TYR A 32 4.56 3.99 -6.18
N ASN A 33 4.18 4.01 -4.92
CA ASN A 33 5.01 3.43 -3.90
C ASN A 33 4.53 2.06 -3.52
N SER A 34 5.44 1.32 -3.01
CA SER A 34 5.21 0.00 -2.58
C SER A 34 4.88 -0.04 -1.09
N CYS A 35 4.49 -1.20 -0.60
CA CYS A 35 4.11 -1.35 0.78
C CYS A 35 5.09 -2.18 1.56
N ALA A 36 6.25 -2.40 1.01
CA ALA A 36 7.29 -3.09 1.74
C ALA A 36 7.76 -2.16 2.86
N GLY A 37 7.46 -2.55 4.07
CA GLY A 37 7.76 -1.72 5.21
C GLY A 37 6.49 -1.14 5.84
N CYS A 38 5.37 -1.19 5.12
CA CYS A 38 4.11 -0.74 5.68
C CYS A 38 3.60 -1.82 6.62
N HIS A 39 2.83 -1.41 7.60
CA HIS A 39 2.26 -2.36 8.55
C HIS A 39 0.86 -2.76 8.12
N CYS A 40 0.57 -2.55 6.85
CA CYS A 40 -0.71 -2.88 6.27
C CYS A 40 -0.92 -4.38 6.22
N VAL A 41 -2.07 -4.78 6.69
CA VAL A 41 -2.45 -6.18 6.77
C VAL A 41 -3.51 -6.42 5.74
N GLY A 42 -3.26 -7.29 4.81
CA GLY A 42 -4.18 -7.48 3.72
C GLY A 42 -3.84 -6.52 2.63
N CYS A 43 -2.56 -6.41 2.37
CA CYS A 43 -2.03 -5.51 1.40
C CYS A 43 -1.94 -6.16 0.06
N LYS A 44 -2.63 -5.62 -0.88
CA LYS A 44 -2.46 -6.03 -2.24
C LYS A 44 -1.97 -4.83 -2.97
N ASN A 45 -0.68 -4.73 -3.09
CA ASN A 45 -0.09 -3.63 -3.81
C ASN A 45 0.56 -4.16 -5.09
N PRO A 46 0.07 -3.76 -6.27
CA PRO A 46 0.66 -4.15 -7.55
C PRO A 46 1.97 -3.39 -7.87
N HIS A 47 2.33 -2.48 -6.99
CA HIS A 47 3.58 -1.72 -7.09
C HIS A 47 4.57 -2.35 -6.12
N LYS A 48 5.83 -2.31 -6.48
CA LYS A 48 6.85 -2.92 -5.67
C LYS A 48 8.20 -2.26 -6.03
N GLU A 49 9.04 -1.96 -5.03
CA GLU A 49 10.35 -1.40 -5.32
C GLU A 49 11.27 -2.57 -5.68
N ASP A 50 11.39 -2.82 -6.95
CA ASP A 50 12.09 -3.99 -7.41
C ASP A 50 13.24 -3.59 -8.31
N TYR A 51 14.38 -4.20 -8.11
CA TYR A 51 15.55 -3.85 -8.89
C TYR A 51 15.52 -4.54 -10.24
N VAL A 52 15.46 -3.75 -11.26
CA VAL A 52 15.47 -4.21 -12.62
C VAL A 52 16.84 -3.92 -13.19
N SER A 1 18.94 4.22 3.59
CA SER A 1 17.99 3.93 2.55
C SER A 1 16.61 4.48 2.95
N PRO A 2 16.05 5.40 2.16
CA PRO A 2 14.76 5.99 2.45
C PRO A 2 13.59 5.07 2.03
N PRO A 3 12.75 4.65 2.97
CA PRO A 3 11.56 3.88 2.65
C PRO A 3 10.50 4.80 2.06
N LYS A 4 9.63 4.24 1.26
CA LYS A 4 8.59 5.00 0.64
C LYS A 4 7.40 5.10 1.59
N PRO A 5 6.43 6.04 1.36
CA PRO A 5 5.26 6.22 2.23
C PRO A 5 4.54 4.92 2.56
N LYS A 6 4.05 4.87 3.77
CA LYS A 6 3.48 3.68 4.32
C LYS A 6 2.01 3.84 4.70
N CYS A 7 1.28 2.75 4.69
CA CYS A 7 -0.15 2.74 4.90
C CYS A 7 -0.56 1.71 5.98
N ARG A 8 -1.78 1.85 6.49
CA ARG A 8 -2.38 0.93 7.48
C ARG A 8 -3.59 0.20 6.87
N CYS A 9 -3.54 -0.05 5.57
CA CYS A 9 -4.63 -0.68 4.85
C CYS A 9 -4.93 -2.09 5.41
N GLY A 10 -6.18 -2.46 5.41
CA GLY A 10 -6.57 -3.75 5.94
C GLY A 10 -7.09 -3.59 7.34
N ILE A 11 -6.55 -2.63 8.03
CA ILE A 11 -6.98 -2.30 9.35
C ILE A 11 -8.10 -1.29 9.22
N SER A 12 -7.79 -0.22 8.52
CA SER A 12 -8.74 0.82 8.25
C SER A 12 -9.83 0.30 7.29
N GLY A 13 -11.01 0.07 7.84
CA GLY A 13 -12.13 -0.40 7.06
C GLY A 13 -12.33 -1.88 7.21
N SER A 14 -11.30 -2.56 7.67
CA SER A 14 -11.26 -4.01 7.85
C SER A 14 -11.51 -4.79 6.53
N SER A 15 -12.77 -4.99 6.15
CA SER A 15 -13.06 -5.74 4.97
C SER A 15 -13.00 -4.86 3.74
N ASN A 16 -11.84 -4.81 3.16
CA ASN A 16 -11.56 -4.12 1.91
C ASN A 16 -10.33 -4.83 1.37
N THR A 17 -10.25 -6.08 1.78
CA THR A 17 -9.11 -6.95 1.62
C THR A 17 -8.67 -7.16 0.14
N LEU A 18 -9.63 -7.16 -0.77
CA LEU A 18 -9.32 -7.40 -2.18
C LEU A 18 -8.67 -6.20 -2.87
N THR A 19 -8.94 -5.02 -2.38
CA THR A 19 -8.44 -3.82 -2.99
C THR A 19 -7.85 -2.87 -1.95
N THR A 20 -7.29 -3.44 -0.89
CA THR A 20 -6.75 -2.69 0.26
C THR A 20 -5.80 -1.59 -0.17
N CYS A 21 -4.71 -1.99 -0.71
CA CYS A 21 -3.70 -1.11 -1.15
C CYS A 21 -3.88 -0.66 -2.58
N ARG A 22 -4.83 -1.22 -3.28
CA ARG A 22 -4.94 -0.97 -4.72
C ARG A 22 -6.01 0.10 -5.03
N ASN A 23 -6.23 1.02 -4.13
CA ASN A 23 -7.22 2.08 -4.37
C ASN A 23 -6.61 3.43 -4.00
N SER A 24 -7.34 4.51 -4.27
CA SER A 24 -6.83 5.88 -4.09
C SER A 24 -6.66 6.32 -2.62
N ARG A 25 -7.02 5.48 -1.69
CA ARG A 25 -6.84 5.81 -0.28
C ARG A 25 -5.50 5.33 0.21
N CYS A 26 -4.84 4.53 -0.61
CA CYS A 26 -3.56 4.00 -0.25
C CYS A 26 -2.44 4.89 -0.79
N PRO A 27 -1.63 5.48 0.12
CA PRO A 27 -0.50 6.40 -0.25
C PRO A 27 0.62 5.68 -1.00
N CYS A 28 0.50 4.38 -1.12
CA CYS A 28 1.46 3.62 -1.84
C CYS A 28 1.11 3.55 -3.30
N TYR A 29 0.04 2.87 -3.59
CA TYR A 29 -0.40 2.57 -4.95
C TYR A 29 -0.59 3.80 -5.81
N LYS A 30 -1.34 4.77 -5.32
CA LYS A 30 -1.68 5.93 -6.13
C LYS A 30 -0.45 6.82 -6.36
N SER A 31 0.52 6.69 -5.50
CA SER A 31 1.73 7.45 -5.61
C SER A 31 2.84 6.57 -6.22
N TYR A 32 2.46 5.35 -6.66
CA TYR A 32 3.35 4.39 -7.30
C TYR A 32 4.49 3.89 -6.40
N ASN A 33 4.18 3.79 -5.14
CA ASN A 33 5.11 3.31 -4.13
C ASN A 33 4.76 1.87 -3.76
N SER A 34 5.64 1.23 -3.05
CA SER A 34 5.46 -0.13 -2.65
C SER A 34 5.17 -0.20 -1.15
N CYS A 35 4.77 -1.35 -0.67
CA CYS A 35 4.49 -1.50 0.72
C CYS A 35 5.71 -2.03 1.44
N ALA A 36 6.65 -1.17 1.57
CA ALA A 36 7.88 -1.45 2.29
C ALA A 36 7.90 -0.65 3.58
N GLY A 37 7.65 -1.32 4.68
CA GLY A 37 7.65 -0.63 5.95
C GLY A 37 6.25 -0.22 6.36
N CYS A 38 5.28 -0.79 5.68
CA CYS A 38 3.89 -0.49 5.93
C CYS A 38 3.35 -1.26 7.09
N HIS A 39 2.17 -0.86 7.52
CA HIS A 39 1.51 -1.45 8.66
C HIS A 39 0.18 -2.02 8.17
N CYS A 40 0.15 -2.41 6.92
CA CYS A 40 -1.04 -2.92 6.32
C CYS A 40 -1.13 -4.42 6.43
N VAL A 41 -2.34 -4.91 6.48
CA VAL A 41 -2.64 -6.31 6.64
C VAL A 41 -3.48 -6.76 5.45
N GLY A 42 -2.99 -7.76 4.73
CA GLY A 42 -3.71 -8.30 3.59
C GLY A 42 -3.76 -7.32 2.45
N CYS A 43 -2.67 -6.65 2.19
CA CYS A 43 -2.66 -5.61 1.21
C CYS A 43 -2.45 -6.17 -0.17
N LYS A 44 -3.17 -5.66 -1.10
CA LYS A 44 -2.92 -5.99 -2.47
C LYS A 44 -2.28 -4.78 -3.10
N ASN A 45 -0.97 -4.76 -3.11
CA ASN A 45 -0.27 -3.69 -3.77
C ASN A 45 0.38 -4.27 -4.99
N PRO A 46 0.06 -3.77 -6.17
CA PRO A 46 0.70 -4.21 -7.41
C PRO A 46 2.21 -3.96 -7.40
N HIS A 47 2.65 -3.04 -6.58
CA HIS A 47 4.05 -2.73 -6.49
C HIS A 47 4.75 -3.62 -5.50
N LYS A 48 5.07 -4.78 -5.93
CA LYS A 48 5.94 -5.62 -5.20
C LYS A 48 7.19 -5.69 -6.00
N GLU A 49 7.89 -4.61 -5.94
CA GLU A 49 9.07 -4.37 -6.72
C GLU A 49 10.25 -5.23 -6.31
N ASP A 50 10.36 -6.34 -6.98
CA ASP A 50 11.46 -7.25 -6.80
C ASP A 50 12.42 -7.06 -7.94
N TYR A 51 13.63 -7.52 -7.78
CA TYR A 51 14.63 -7.37 -8.78
C TYR A 51 14.43 -8.40 -9.88
N VAL A 52 13.60 -8.04 -10.81
CA VAL A 52 13.29 -8.88 -11.93
C VAL A 52 13.70 -8.17 -13.21
N SER A 1 18.10 6.44 1.51
CA SER A 1 16.79 6.00 1.09
C SER A 1 15.76 7.03 1.51
N PRO A 2 15.01 7.59 0.55
CA PRO A 2 14.03 8.63 0.84
C PRO A 2 12.80 8.08 1.59
N PRO A 3 12.38 8.75 2.67
CA PRO A 3 11.16 8.40 3.37
C PRO A 3 9.99 8.55 2.40
N LYS A 4 9.21 7.52 2.27
CA LYS A 4 8.15 7.49 1.29
C LYS A 4 6.88 7.00 1.94
N PRO A 5 5.69 7.28 1.34
CA PRO A 5 4.40 6.89 1.89
C PRO A 5 4.30 5.44 2.34
N LYS A 6 3.76 5.30 3.52
CA LYS A 6 3.54 4.04 4.18
C LYS A 6 2.14 4.08 4.75
N CYS A 7 1.52 2.94 4.90
CA CYS A 7 0.14 2.90 5.30
C CYS A 7 -0.11 1.82 6.34
N ARG A 8 -1.30 1.85 6.90
CA ARG A 8 -1.75 0.90 7.93
C ARG A 8 -3.08 0.29 7.50
N CYS A 9 -3.27 0.22 6.18
CA CYS A 9 -4.49 -0.33 5.57
C CYS A 9 -4.71 -1.77 6.03
N GLY A 10 -5.66 -1.98 6.88
CA GLY A 10 -5.88 -3.30 7.40
C GLY A 10 -6.07 -3.24 8.88
N ILE A 11 -5.34 -2.36 9.52
CA ILE A 11 -5.49 -2.13 10.94
C ILE A 11 -6.75 -1.29 11.13
N SER A 12 -6.75 -0.17 10.44
CA SER A 12 -7.85 0.76 10.42
C SER A 12 -7.70 1.61 9.15
N GLY A 13 -8.76 2.20 8.69
CA GLY A 13 -8.70 3.00 7.47
C GLY A 13 -8.70 2.09 6.25
N SER A 14 -9.14 0.88 6.47
CA SER A 14 -9.17 -0.15 5.48
C SER A 14 -10.20 0.18 4.41
N SER A 15 -9.72 0.43 3.22
CA SER A 15 -10.57 0.73 2.11
C SER A 15 -10.49 -0.45 1.16
N ASN A 16 -11.59 -1.23 1.08
CA ASN A 16 -11.68 -2.50 0.32
C ASN A 16 -11.04 -3.63 1.11
N THR A 17 -11.28 -4.86 0.73
CA THR A 17 -10.67 -5.98 1.43
C THR A 17 -9.61 -6.68 0.57
N LEU A 18 -9.79 -6.65 -0.73
CA LEU A 18 -8.81 -7.22 -1.64
C LEU A 18 -8.05 -6.10 -2.30
N THR A 19 -8.78 -5.11 -2.72
CA THR A 19 -8.22 -3.96 -3.40
C THR A 19 -7.77 -2.89 -2.36
N THR A 20 -7.46 -3.33 -1.14
CA THR A 20 -7.12 -2.48 0.01
C THR A 20 -5.99 -1.48 -0.33
N CYS A 21 -4.83 -2.00 -0.59
CA CYS A 21 -3.69 -1.20 -0.96
C CYS A 21 -3.62 -0.97 -2.47
N ARG A 22 -4.54 -1.60 -3.18
CA ARG A 22 -4.57 -1.58 -4.63
C ARG A 22 -5.45 -0.42 -5.16
N ASN A 23 -6.04 0.34 -4.28
CA ASN A 23 -6.89 1.42 -4.74
C ASN A 23 -6.28 2.77 -4.40
N SER A 24 -6.77 3.80 -5.05
CA SER A 24 -6.23 5.14 -4.96
C SER A 24 -6.41 5.81 -3.57
N ARG A 25 -7.12 5.16 -2.65
CA ARG A 25 -7.28 5.71 -1.30
C ARG A 25 -6.11 5.28 -0.43
N CYS A 26 -5.24 4.46 -1.01
CA CYS A 26 -4.02 4.05 -0.34
C CYS A 26 -2.91 4.99 -0.81
N PRO A 27 -2.16 5.61 0.12
CA PRO A 27 -1.10 6.58 -0.21
C PRO A 27 0.01 5.96 -1.05
N CYS A 28 0.31 4.70 -0.78
CA CYS A 28 1.38 3.99 -1.47
C CYS A 28 1.09 3.83 -2.94
N TYR A 29 -0.03 3.20 -3.23
CA TYR A 29 -0.49 2.93 -4.58
C TYR A 29 -0.50 4.19 -5.44
N LYS A 30 -1.13 5.22 -4.93
CA LYS A 30 -1.34 6.47 -5.65
C LYS A 30 0.03 7.14 -5.95
N SER A 31 0.94 7.06 -5.00
CA SER A 31 2.26 7.67 -5.16
C SER A 31 3.27 6.73 -5.86
N TYR A 32 2.78 5.59 -6.37
CA TYR A 32 3.60 4.60 -7.12
C TYR A 32 4.59 3.85 -6.24
N ASN A 33 4.29 3.77 -4.97
CA ASN A 33 5.15 3.07 -4.02
C ASN A 33 4.55 1.75 -3.67
N SER A 34 5.35 0.90 -3.14
CA SER A 34 4.94 -0.41 -2.75
C SER A 34 4.73 -0.44 -1.25
N CYS A 35 4.13 -1.49 -0.77
CA CYS A 35 3.92 -1.61 0.63
C CYS A 35 5.02 -2.40 1.27
N ALA A 36 6.13 -1.75 1.34
CA ALA A 36 7.30 -2.25 1.96
C ALA A 36 7.62 -1.32 3.11
N GLY A 37 7.47 -1.83 4.31
CA GLY A 37 7.71 -1.02 5.48
C GLY A 37 6.43 -0.45 6.04
N CYS A 38 5.33 -0.99 5.57
CA CYS A 38 4.01 -0.57 5.99
C CYS A 38 3.50 -1.49 7.09
N HIS A 39 2.42 -1.12 7.70
CA HIS A 39 1.76 -1.96 8.67
C HIS A 39 0.36 -2.25 8.19
N CYS A 40 0.28 -2.57 6.93
CA CYS A 40 -0.96 -2.89 6.29
C CYS A 40 -1.20 -4.39 6.33
N VAL A 41 -2.46 -4.76 6.34
CA VAL A 41 -2.90 -6.15 6.41
C VAL A 41 -3.92 -6.37 5.30
N GLY A 42 -3.73 -7.42 4.53
CA GLY A 42 -4.59 -7.67 3.39
C GLY A 42 -4.16 -6.79 2.25
N CYS A 43 -2.87 -6.74 2.05
CA CYS A 43 -2.30 -5.85 1.12
C CYS A 43 -1.99 -6.50 -0.20
N LYS A 44 -2.72 -6.11 -1.17
CA LYS A 44 -2.39 -6.43 -2.51
C LYS A 44 -2.05 -5.14 -3.18
N ASN A 45 -0.78 -4.83 -3.21
CA ASN A 45 -0.33 -3.63 -3.89
C ASN A 45 0.34 -4.04 -5.19
N PRO A 46 -0.22 -3.66 -6.34
CA PRO A 46 0.34 -4.00 -7.67
C PRO A 46 1.74 -3.41 -7.90
N HIS A 47 2.13 -2.49 -7.06
CA HIS A 47 3.43 -1.89 -7.18
C HIS A 47 4.37 -2.63 -6.28
N LYS A 48 5.53 -2.87 -6.78
CA LYS A 48 6.57 -3.53 -6.04
C LYS A 48 7.85 -2.84 -6.34
N GLU A 49 8.43 -2.24 -5.35
CA GLU A 49 9.71 -1.65 -5.48
C GLU A 49 10.71 -2.73 -5.29
N ASP A 50 10.98 -3.41 -6.39
CA ASP A 50 11.86 -4.54 -6.44
C ASP A 50 13.27 -4.06 -6.27
N TYR A 51 13.66 -3.98 -5.06
CA TYR A 51 14.92 -3.46 -4.70
C TYR A 51 15.94 -4.57 -4.60
N VAL A 52 16.83 -4.59 -5.54
CA VAL A 52 17.87 -5.57 -5.59
C VAL A 52 19.13 -5.01 -4.92
N SER A 1 17.92 11.42 2.56
CA SER A 1 17.67 10.09 2.01
C SER A 1 16.21 10.02 1.54
N PRO A 2 15.90 9.23 0.49
CA PRO A 2 14.54 9.12 -0.02
C PRO A 2 13.69 8.07 0.74
N PRO A 3 12.72 8.50 1.57
CA PRO A 3 11.86 7.60 2.30
C PRO A 3 10.60 7.23 1.49
N LYS A 4 9.88 6.23 1.94
CA LYS A 4 8.66 5.83 1.27
C LYS A 4 7.49 6.05 2.20
N PRO A 5 6.34 6.53 1.69
CA PRO A 5 5.13 6.68 2.50
C PRO A 5 4.62 5.32 2.94
N LYS A 6 4.09 5.25 4.13
CA LYS A 6 3.61 4.01 4.67
C LYS A 6 2.18 4.15 5.09
N CYS A 7 1.45 3.09 5.03
CA CYS A 7 0.04 3.12 5.30
C CYS A 7 -0.31 2.05 6.31
N ARG A 8 -1.52 2.14 6.82
CA ARG A 8 -2.08 1.19 7.76
C ARG A 8 -3.34 0.58 7.17
N CYS A 9 -3.39 0.53 5.84
CA CYS A 9 -4.50 -0.05 5.09
C CYS A 9 -4.70 -1.49 5.51
N GLY A 10 -5.82 -1.76 6.11
CA GLY A 10 -6.10 -3.09 6.58
C GLY A 10 -6.36 -3.05 8.04
N ILE A 11 -5.59 -2.25 8.73
CA ILE A 11 -5.83 -1.99 10.12
C ILE A 11 -6.97 -0.98 10.16
N SER A 12 -6.84 -0.02 9.29
CA SER A 12 -7.80 1.00 9.09
C SER A 12 -8.01 1.12 7.58
N GLY A 13 -9.06 1.78 7.15
CA GLY A 13 -9.29 1.96 5.74
C GLY A 13 -10.19 0.89 5.16
N SER A 14 -11.28 0.62 5.86
CA SER A 14 -12.23 -0.36 5.41
C SER A 14 -13.09 0.23 4.30
N SER A 15 -12.80 -0.14 3.08
CA SER A 15 -13.53 0.33 1.92
C SER A 15 -13.46 -0.73 0.84
N ASN A 16 -12.28 -1.25 0.63
CA ASN A 16 -12.06 -2.30 -0.33
C ASN A 16 -11.34 -3.41 0.42
N THR A 17 -11.85 -4.61 0.34
CA THR A 17 -11.28 -5.72 1.11
C THR A 17 -10.28 -6.52 0.26
N LEU A 18 -10.52 -6.57 -1.02
CA LEU A 18 -9.65 -7.26 -1.95
C LEU A 18 -8.66 -6.27 -2.53
N THR A 19 -9.14 -5.07 -2.69
CA THR A 19 -8.39 -4.01 -3.30
C THR A 19 -7.89 -3.01 -2.20
N THR A 20 -7.70 -3.50 -0.97
CA THR A 20 -7.34 -2.65 0.20
C THR A 20 -6.17 -1.66 -0.09
N CYS A 21 -5.00 -2.17 -0.35
CA CYS A 21 -3.85 -1.33 -0.73
C CYS A 21 -3.78 -1.06 -2.22
N ARG A 22 -4.68 -1.66 -2.96
CA ARG A 22 -4.62 -1.65 -4.42
C ARG A 22 -5.56 -0.56 -5.01
N ASN A 23 -5.98 0.39 -4.20
CA ASN A 23 -6.92 1.40 -4.66
C ASN A 23 -6.43 2.81 -4.33
N SER A 24 -7.18 3.79 -4.79
CA SER A 24 -6.87 5.22 -4.69
C SER A 24 -6.77 5.74 -3.24
N ARG A 25 -7.23 4.96 -2.28
CA ARG A 25 -7.21 5.38 -0.89
C ARG A 25 -5.95 4.92 -0.19
N CYS A 26 -5.07 4.26 -0.92
CA CYS A 26 -3.81 3.87 -0.39
C CYS A 26 -2.77 4.85 -0.90
N PRO A 27 -2.19 5.69 0.01
CA PRO A 27 -1.23 6.75 -0.37
C PRO A 27 -0.02 6.20 -1.09
N CYS A 28 0.32 4.97 -0.78
CA CYS A 28 1.45 4.28 -1.39
C CYS A 28 1.17 4.00 -2.84
N TYR A 29 0.13 3.21 -3.06
CA TYR A 29 -0.28 2.75 -4.38
C TYR A 29 -0.50 3.90 -5.33
N LYS A 30 -1.30 4.84 -4.90
CA LYS A 30 -1.68 5.96 -5.73
C LYS A 30 -0.44 6.78 -6.11
N SER A 31 0.50 6.91 -5.19
CA SER A 31 1.73 7.65 -5.44
C SER A 31 2.83 6.69 -5.98
N TYR A 32 2.40 5.52 -6.45
CA TYR A 32 3.24 4.52 -7.13
C TYR A 32 4.33 3.89 -6.26
N ASN A 33 4.13 3.93 -4.98
CA ASN A 33 5.07 3.32 -4.04
C ASN A 33 4.62 1.94 -3.65
N SER A 34 5.48 1.24 -2.98
CA SER A 34 5.23 -0.10 -2.54
C SER A 34 4.75 -0.10 -1.10
N CYS A 35 4.26 -1.23 -0.63
CA CYS A 35 3.82 -1.34 0.75
C CYS A 35 4.76 -2.19 1.56
N ALA A 36 5.89 -2.49 0.99
CA ALA A 36 6.91 -3.20 1.72
C ALA A 36 7.50 -2.27 2.75
N GLY A 37 7.25 -2.58 4.01
CA GLY A 37 7.70 -1.73 5.08
C GLY A 37 6.56 -0.97 5.73
N CYS A 38 5.35 -1.14 5.20
CA CYS A 38 4.17 -0.54 5.78
C CYS A 38 3.66 -1.40 6.92
N HIS A 39 2.53 -1.03 7.45
CA HIS A 39 1.89 -1.82 8.49
C HIS A 39 0.53 -2.24 7.99
N CYS A 40 0.43 -2.33 6.68
CA CYS A 40 -0.80 -2.67 6.02
C CYS A 40 -1.12 -4.16 6.09
N VAL A 41 -2.39 -4.46 6.21
CA VAL A 41 -2.90 -5.80 6.37
C VAL A 41 -3.85 -6.09 5.21
N GLY A 42 -3.63 -7.18 4.52
CA GLY A 42 -4.41 -7.47 3.35
C GLY A 42 -4.02 -6.52 2.24
N CYS A 43 -2.75 -6.45 2.02
CA CYS A 43 -2.19 -5.54 1.08
C CYS A 43 -1.97 -6.16 -0.26
N LYS A 44 -2.64 -5.64 -1.25
CA LYS A 44 -2.31 -5.99 -2.58
C LYS A 44 -1.70 -4.76 -3.19
N ASN A 45 -0.40 -4.69 -3.15
CA ASN A 45 0.30 -3.59 -3.74
C ASN A 45 1.05 -4.13 -4.94
N PRO A 46 0.56 -3.84 -6.15
CA PRO A 46 1.18 -4.34 -7.40
C PRO A 46 2.62 -3.85 -7.64
N HIS A 47 3.15 -3.03 -6.76
CA HIS A 47 4.50 -2.53 -6.91
C HIS A 47 5.45 -3.39 -6.13
N LYS A 48 6.55 -3.64 -6.73
CA LYS A 48 7.60 -4.47 -6.19
C LYS A 48 8.70 -3.55 -5.68
N GLU A 49 9.57 -4.08 -4.86
CA GLU A 49 10.74 -3.35 -4.45
C GLU A 49 11.79 -3.40 -5.51
N ASP A 50 11.70 -2.48 -6.41
CA ASP A 50 12.66 -2.37 -7.47
C ASP A 50 13.75 -1.44 -6.97
N TYR A 51 14.97 -1.86 -7.06
CA TYR A 51 16.04 -1.08 -6.52
C TYR A 51 17.22 -1.13 -7.48
N VAL A 52 18.04 -0.12 -7.46
CA VAL A 52 19.18 -0.07 -8.32
C VAL A 52 20.43 -0.60 -7.57
N SER A 1 16.56 9.96 -1.24
CA SER A 1 15.32 9.48 -1.82
C SER A 1 14.15 9.85 -0.91
N PRO A 2 12.91 9.91 -1.43
CA PRO A 2 11.74 10.16 -0.62
C PRO A 2 11.38 8.93 0.23
N PRO A 3 11.12 9.10 1.53
CA PRO A 3 10.70 8.00 2.38
C PRO A 3 9.34 7.46 1.93
N LYS A 4 9.27 6.18 1.70
CA LYS A 4 8.05 5.57 1.22
C LYS A 4 6.98 5.58 2.30
N PRO A 5 5.75 6.01 1.94
CA PRO A 5 4.65 6.12 2.87
C PRO A 5 4.25 4.78 3.46
N LYS A 6 3.95 4.79 4.71
CA LYS A 6 3.54 3.62 5.38
C LYS A 6 2.05 3.67 5.65
N CYS A 7 1.34 2.86 4.96
CA CYS A 7 -0.10 2.82 5.07
C CYS A 7 -0.50 1.76 6.09
N ARG A 8 -1.68 1.92 6.65
CA ARG A 8 -2.19 1.02 7.67
C ARG A 8 -3.44 0.31 7.16
N CYS A 9 -3.46 0.09 5.86
CA CYS A 9 -4.56 -0.59 5.16
C CYS A 9 -4.72 -2.01 5.71
N GLY A 10 -5.80 -2.26 6.39
CA GLY A 10 -6.00 -3.56 6.98
C GLY A 10 -6.30 -3.41 8.43
N ILE A 11 -5.62 -2.47 9.07
CA ILE A 11 -5.92 -2.12 10.44
C ILE A 11 -7.23 -1.33 10.39
N SER A 12 -7.32 -0.56 9.34
CA SER A 12 -8.49 0.15 8.97
C SER A 12 -8.72 -0.17 7.51
N GLY A 13 -9.85 -0.74 7.18
CA GLY A 13 -10.13 -1.10 5.81
C GLY A 13 -11.27 -2.07 5.70
N SER A 14 -12.43 -1.62 6.08
CA SER A 14 -13.63 -2.41 6.00
C SER A 14 -14.12 -2.44 4.56
N SER A 15 -14.70 -3.56 4.15
CA SER A 15 -15.24 -3.79 2.82
C SER A 15 -14.14 -4.00 1.75
N ASN A 16 -13.14 -3.16 1.75
CA ASN A 16 -12.07 -3.29 0.79
C ASN A 16 -10.84 -3.95 1.38
N THR A 17 -10.84 -5.26 1.38
CA THR A 17 -9.67 -6.01 1.80
C THR A 17 -9.08 -6.70 0.55
N LEU A 18 -9.83 -6.64 -0.52
CA LEU A 18 -9.40 -7.17 -1.80
C LEU A 18 -8.81 -6.04 -2.65
N THR A 19 -9.03 -4.81 -2.22
CA THR A 19 -8.54 -3.65 -2.91
C THR A 19 -7.96 -2.63 -1.95
N THR A 20 -7.50 -3.12 -0.79
CA THR A 20 -6.97 -2.30 0.31
C THR A 20 -5.88 -1.32 -0.18
N CYS A 21 -4.79 -1.89 -0.61
CA CYS A 21 -3.67 -1.15 -1.16
C CYS A 21 -3.79 -0.93 -2.66
N ARG A 22 -4.81 -1.52 -3.25
CA ARG A 22 -5.00 -1.53 -4.69
C ARG A 22 -5.91 -0.37 -5.16
N ASN A 23 -6.28 0.50 -4.27
CA ASN A 23 -7.16 1.60 -4.65
C ASN A 23 -6.46 2.95 -4.43
N SER A 24 -7.04 4.00 -4.97
CA SER A 24 -6.45 5.33 -4.98
C SER A 24 -6.35 5.99 -3.58
N ARG A 25 -6.98 5.41 -2.57
CA ARG A 25 -6.92 5.95 -1.23
C ARG A 25 -5.70 5.45 -0.49
N CYS A 26 -4.97 4.55 -1.12
CA CYS A 26 -3.76 4.06 -0.55
C CYS A 26 -2.63 4.97 -1.00
N PRO A 27 -1.92 5.61 -0.04
CA PRO A 27 -0.85 6.59 -0.36
C PRO A 27 0.32 5.96 -1.10
N CYS A 28 0.38 4.66 -1.08
CA CYS A 28 1.41 3.93 -1.76
C CYS A 28 1.05 3.76 -3.23
N TYR A 29 -0.11 3.15 -3.45
CA TYR A 29 -0.64 2.84 -4.79
C TYR A 29 -0.61 4.05 -5.72
N LYS A 30 -1.30 5.10 -5.32
CA LYS A 30 -1.48 6.28 -6.15
C LYS A 30 -0.18 7.07 -6.31
N SER A 31 0.76 6.84 -5.43
CA SER A 31 2.02 7.54 -5.49
C SER A 31 3.12 6.61 -6.04
N TYR A 32 2.70 5.46 -6.59
CA TYR A 32 3.57 4.49 -7.28
C TYR A 32 4.61 3.87 -6.35
N ASN A 33 4.28 3.78 -5.08
CA ASN A 33 5.21 3.23 -4.09
C ASN A 33 4.88 1.80 -3.78
N SER A 34 5.81 1.15 -3.16
CA SER A 34 5.67 -0.20 -2.72
C SER A 34 5.38 -0.21 -1.21
N CYS A 35 4.67 -1.22 -0.77
CA CYS A 35 4.34 -1.34 0.62
C CYS A 35 5.44 -2.05 1.36
N ALA A 36 6.50 -1.36 1.50
CA ALA A 36 7.64 -1.82 2.22
C ALA A 36 7.85 -0.92 3.41
N GLY A 37 7.56 -1.43 4.58
CA GLY A 37 7.64 -0.65 5.78
C GLY A 37 6.27 -0.24 6.25
N CYS A 38 5.26 -0.73 5.56
CA CYS A 38 3.89 -0.43 5.87
C CYS A 38 3.36 -1.40 6.91
N HIS A 39 2.26 -1.04 7.52
CA HIS A 39 1.60 -1.89 8.50
C HIS A 39 0.30 -2.36 7.94
N CYS A 40 0.27 -2.49 6.64
CA CYS A 40 -0.88 -2.97 5.94
C CYS A 40 -0.97 -4.47 6.02
N VAL A 41 -2.14 -4.93 6.37
CA VAL A 41 -2.42 -6.32 6.56
C VAL A 41 -3.49 -6.70 5.55
N GLY A 42 -3.14 -7.57 4.65
CA GLY A 42 -4.03 -7.88 3.56
C GLY A 42 -3.75 -6.93 2.44
N CYS A 43 -2.47 -6.69 2.23
CA CYS A 43 -1.98 -5.77 1.27
C CYS A 43 -1.96 -6.37 -0.10
N LYS A 44 -2.83 -5.92 -0.93
CA LYS A 44 -2.77 -6.28 -2.29
C LYS A 44 -2.37 -5.05 -3.03
N ASN A 45 -1.10 -4.89 -3.23
CA ASN A 45 -0.61 -3.75 -3.96
C ASN A 45 -0.05 -4.22 -5.26
N PRO A 46 -0.62 -3.80 -6.38
CA PRO A 46 -0.13 -4.18 -7.71
C PRO A 46 1.15 -3.42 -8.11
N HIS A 47 1.64 -2.57 -7.23
CA HIS A 47 2.84 -1.82 -7.51
C HIS A 47 4.07 -2.45 -6.90
N LYS A 48 4.74 -3.25 -7.68
CA LYS A 48 6.00 -3.79 -7.26
C LYS A 48 7.10 -2.83 -7.69
N GLU A 49 7.92 -2.46 -6.77
CA GLU A 49 8.93 -1.48 -7.04
C GLU A 49 10.19 -2.17 -7.51
N ASP A 50 10.79 -1.61 -8.51
CA ASP A 50 11.98 -2.15 -9.06
C ASP A 50 12.92 -0.98 -9.31
N TYR A 51 14.00 -1.21 -9.98
CA TYR A 51 14.96 -0.21 -10.21
C TYR A 51 14.93 0.25 -11.63
N VAL A 52 14.47 1.44 -11.82
CA VAL A 52 14.37 2.03 -13.13
C VAL A 52 15.72 2.61 -13.46
N SER A 1 18.48 7.79 1.45
CA SER A 1 17.09 7.68 1.09
C SER A 1 16.22 7.85 2.33
N PRO A 2 15.27 8.78 2.31
CA PRO A 2 14.37 8.98 3.43
C PRO A 2 13.23 7.94 3.40
N PRO A 3 12.55 7.72 4.54
CA PRO A 3 11.43 6.78 4.61
C PRO A 3 10.32 7.14 3.62
N LYS A 4 9.94 6.18 2.82
CA LYS A 4 8.91 6.35 1.81
C LYS A 4 7.54 6.34 2.49
N PRO A 5 6.49 6.91 1.86
CA PRO A 5 5.14 6.90 2.42
C PRO A 5 4.64 5.48 2.64
N LYS A 6 3.96 5.31 3.74
CA LYS A 6 3.52 4.01 4.20
C LYS A 6 2.07 4.06 4.61
N CYS A 7 1.39 2.95 4.50
CA CYS A 7 -0.01 2.86 4.80
C CYS A 7 -0.28 1.81 5.88
N ARG A 8 -1.46 1.89 6.47
CA ARG A 8 -1.90 1.02 7.56
C ARG A 8 -3.25 0.37 7.21
N CYS A 9 -3.39 0.05 5.94
CA CYS A 9 -4.61 -0.58 5.39
C CYS A 9 -4.78 -1.98 6.02
N GLY A 10 -5.98 -2.44 6.18
CA GLY A 10 -6.18 -3.80 6.63
C GLY A 10 -6.31 -3.90 8.14
N ILE A 11 -5.70 -2.96 8.85
CA ILE A 11 -5.88 -2.88 10.30
C ILE A 11 -7.30 -2.42 10.50
N SER A 12 -7.63 -1.40 9.76
CA SER A 12 -8.96 -0.96 9.62
C SER A 12 -9.36 -1.44 8.23
N GLY A 13 -10.41 -2.22 8.16
CA GLY A 13 -10.81 -2.77 6.89
C GLY A 13 -12.01 -2.08 6.32
N SER A 14 -12.47 -1.06 7.04
CA SER A 14 -13.61 -0.28 6.62
C SER A 14 -13.18 0.84 5.66
N SER A 15 -11.89 0.94 5.46
CA SER A 15 -11.34 1.83 4.50
C SER A 15 -11.54 1.20 3.13
N ASN A 16 -11.12 -0.05 3.04
CA ASN A 16 -11.33 -0.93 1.92
C ASN A 16 -10.73 -2.26 2.33
N THR A 17 -11.25 -3.36 1.82
CA THR A 17 -10.75 -4.65 2.23
C THR A 17 -9.96 -5.40 1.12
N LEU A 18 -10.61 -5.68 0.00
CA LEU A 18 -10.05 -6.58 -0.99
C LEU A 18 -9.17 -5.87 -2.02
N THR A 19 -9.20 -4.57 -2.00
CA THR A 19 -8.36 -3.76 -2.85
C THR A 19 -7.68 -2.68 -2.03
N THR A 20 -7.32 -3.06 -0.78
CA THR A 20 -6.73 -2.18 0.22
C THR A 20 -5.69 -1.22 -0.34
N CYS A 21 -4.62 -1.77 -0.81
CA CYS A 21 -3.54 -1.01 -1.35
C CYS A 21 -3.65 -0.71 -2.83
N ARG A 22 -4.66 -1.26 -3.45
CA ARG A 22 -4.82 -1.13 -4.89
C ARG A 22 -5.74 0.04 -5.25
N ASN A 23 -6.46 0.51 -4.30
CA ASN A 23 -7.41 1.57 -4.57
C ASN A 23 -6.75 2.93 -4.33
N SER A 24 -7.32 3.98 -4.86
CA SER A 24 -6.74 5.32 -4.80
C SER A 24 -6.66 5.92 -3.40
N ARG A 25 -7.39 5.35 -2.45
CA ARG A 25 -7.35 5.86 -1.10
C ARG A 25 -6.10 5.38 -0.38
N CYS A 26 -5.42 4.45 -1.00
CA CYS A 26 -4.16 4.01 -0.48
C CYS A 26 -3.11 4.90 -1.09
N PRO A 27 -2.30 5.57 -0.25
CA PRO A 27 -1.26 6.50 -0.71
C PRO A 27 -0.26 5.81 -1.61
N CYS A 28 -0.01 4.54 -1.31
CA CYS A 28 0.96 3.75 -2.02
C CYS A 28 0.69 3.60 -3.49
N TYR A 29 -0.50 3.20 -3.82
CA TYR A 29 -0.87 2.96 -5.22
C TYR A 29 -0.75 4.23 -6.05
N LYS A 30 -1.27 5.32 -5.53
CA LYS A 30 -1.29 6.57 -6.20
C LYS A 30 0.07 7.28 -6.22
N SER A 31 0.92 7.01 -5.24
CA SER A 31 2.22 7.67 -5.18
C SER A 31 3.33 6.73 -5.66
N TYR A 32 2.92 5.52 -6.10
CA TYR A 32 3.81 4.49 -6.65
C TYR A 32 4.79 3.99 -5.58
N ASN A 33 4.28 3.86 -4.38
CA ASN A 33 5.06 3.44 -3.22
C ASN A 33 4.89 1.95 -3.06
N SER A 34 5.89 1.35 -2.50
CA SER A 34 5.89 -0.03 -2.22
C SER A 34 5.53 -0.23 -0.74
N CYS A 35 4.89 -1.33 -0.42
CA CYS A 35 4.43 -1.58 0.94
C CYS A 35 5.46 -2.27 1.83
N ALA A 36 6.70 -2.10 1.50
CA ALA A 36 7.78 -2.63 2.30
C ALA A 36 8.03 -1.69 3.46
N GLY A 37 7.59 -2.10 4.62
CA GLY A 37 7.68 -1.27 5.78
C GLY A 37 6.33 -0.74 6.17
N CYS A 38 5.33 -1.03 5.36
CA CYS A 38 3.97 -0.61 5.67
C CYS A 38 3.38 -1.56 6.69
N HIS A 39 2.39 -1.10 7.41
CA HIS A 39 1.75 -1.92 8.44
C HIS A 39 0.41 -2.39 8.00
N CYS A 40 0.22 -2.35 6.71
CA CYS A 40 -0.99 -2.84 6.11
C CYS A 40 -1.04 -4.35 6.17
N VAL A 41 -2.15 -4.84 6.59
CA VAL A 41 -2.37 -6.26 6.75
C VAL A 41 -3.19 -6.76 5.60
N GLY A 42 -2.62 -7.67 4.82
CA GLY A 42 -3.30 -8.23 3.69
C GLY A 42 -3.53 -7.18 2.64
N CYS A 43 -2.47 -6.50 2.25
CA CYS A 43 -2.59 -5.48 1.27
C CYS A 43 -2.49 -6.08 -0.10
N LYS A 44 -3.36 -5.69 -0.97
CA LYS A 44 -3.22 -6.09 -2.34
C LYS A 44 -2.62 -4.92 -3.09
N ASN A 45 -1.33 -4.91 -3.19
CA ASN A 45 -0.65 -3.87 -3.93
C ASN A 45 -0.04 -4.49 -5.17
N PRO A 46 -0.44 -4.05 -6.37
CA PRO A 46 0.16 -4.50 -7.64
C PRO A 46 1.66 -4.17 -7.71
N HIS A 47 2.05 -3.12 -7.00
CA HIS A 47 3.44 -2.69 -6.96
C HIS A 47 4.21 -3.55 -5.99
N LYS A 48 5.45 -3.79 -6.29
CA LYS A 48 6.31 -4.58 -5.45
C LYS A 48 7.54 -3.77 -5.14
N GLU A 49 8.10 -3.98 -3.97
CA GLU A 49 9.32 -3.33 -3.56
C GLU A 49 10.46 -3.79 -4.46
N ASP A 50 11.27 -2.85 -4.90
CA ASP A 50 12.38 -3.15 -5.78
C ASP A 50 13.51 -2.20 -5.43
N TYR A 51 14.72 -2.70 -5.46
CA TYR A 51 15.91 -1.99 -4.99
C TYR A 51 16.15 -0.63 -5.71
N VAL A 52 15.96 0.43 -4.97
CA VAL A 52 16.28 1.76 -5.42
C VAL A 52 17.29 2.31 -4.45
N SER A 1 16.85 12.06 4.38
CA SER A 1 16.45 11.47 3.13
C SER A 1 14.94 11.37 3.14
N PRO A 2 14.27 11.70 2.00
CA PRO A 2 12.82 11.69 1.89
C PRO A 2 12.22 10.30 2.14
N PRO A 3 11.40 10.16 3.19
CA PRO A 3 10.74 8.91 3.50
C PRO A 3 9.68 8.54 2.45
N LYS A 4 9.61 7.27 2.17
CA LYS A 4 8.64 6.74 1.23
C LYS A 4 7.26 6.68 1.91
N PRO A 5 6.18 6.87 1.13
CA PRO A 5 4.82 6.72 1.63
C PRO A 5 4.59 5.33 2.22
N LYS A 6 3.90 5.29 3.33
CA LYS A 6 3.63 4.07 4.05
C LYS A 6 2.18 4.08 4.47
N CYS A 7 1.58 2.92 4.63
CA CYS A 7 0.18 2.85 4.92
C CYS A 7 -0.13 1.82 5.98
N ARG A 8 -1.25 2.00 6.63
CA ARG A 8 -1.72 1.13 7.69
C ARG A 8 -3.07 0.53 7.28
N CYS A 9 -3.19 0.20 6.01
CA CYS A 9 -4.42 -0.36 5.43
C CYS A 9 -4.70 -1.76 6.00
N GLY A 10 -5.91 -2.21 5.88
CA GLY A 10 -6.23 -3.57 6.27
C GLY A 10 -7.03 -3.65 7.53
N ILE A 11 -6.99 -2.58 8.30
CA ILE A 11 -7.72 -2.52 9.57
C ILE A 11 -9.22 -2.46 9.26
N SER A 12 -9.53 -1.90 8.12
CA SER A 12 -10.87 -1.88 7.62
C SER A 12 -10.88 -2.69 6.33
N GLY A 13 -11.13 -3.96 6.45
CA GLY A 13 -11.08 -4.82 5.31
C GLY A 13 -12.33 -5.61 5.11
N SER A 14 -13.46 -4.99 5.38
CA SER A 14 -14.75 -5.62 5.24
C SER A 14 -14.99 -5.94 3.76
N SER A 15 -15.07 -4.91 2.94
CA SER A 15 -15.22 -5.08 1.52
C SER A 15 -13.86 -4.79 0.87
N ASN A 16 -13.01 -4.15 1.63
CA ASN A 16 -11.69 -3.75 1.20
C ASN A 16 -10.69 -4.84 1.63
N THR A 17 -10.83 -6.01 1.05
CA THR A 17 -10.02 -7.17 1.42
C THR A 17 -8.95 -7.46 0.33
N LEU A 18 -9.31 -7.20 -0.91
CA LEU A 18 -8.40 -7.36 -2.04
C LEU A 18 -7.98 -6.01 -2.55
N THR A 19 -8.92 -5.11 -2.51
CA THR A 19 -8.75 -3.77 -3.01
C THR A 19 -8.08 -2.86 -1.97
N THR A 20 -7.60 -3.47 -0.89
CA THR A 20 -7.05 -2.78 0.27
C THR A 20 -5.96 -1.74 -0.08
N CYS A 21 -4.85 -2.20 -0.58
CA CYS A 21 -3.79 -1.33 -1.04
C CYS A 21 -3.93 -0.97 -2.50
N ARG A 22 -4.88 -1.58 -3.14
CA ARG A 22 -5.04 -1.51 -4.58
C ARG A 22 -6.07 -0.43 -5.00
N ASN A 23 -6.29 0.53 -4.14
CA ASN A 23 -7.21 1.60 -4.47
C ASN A 23 -6.52 2.93 -4.23
N SER A 24 -7.08 3.98 -4.76
CA SER A 24 -6.46 5.30 -4.75
C SER A 24 -6.41 5.96 -3.35
N ARG A 25 -7.05 5.38 -2.36
CA ARG A 25 -7.00 5.92 -1.01
C ARG A 25 -5.79 5.40 -0.26
N CYS A 26 -5.03 4.55 -0.91
CA CYS A 26 -3.81 4.05 -0.36
C CYS A 26 -2.68 4.94 -0.88
N PRO A 27 -1.94 5.64 0.03
CA PRO A 27 -0.88 6.58 -0.37
C PRO A 27 0.20 5.91 -1.20
N CYS A 28 0.47 4.65 -0.91
CA CYS A 28 1.46 3.89 -1.64
C CYS A 28 1.06 3.73 -3.09
N TYR A 29 -0.15 3.28 -3.27
CA TYR A 29 -0.70 3.02 -4.59
C TYR A 29 -0.72 4.28 -5.44
N LYS A 30 -1.16 5.39 -4.85
CA LYS A 30 -1.28 6.62 -5.58
C LYS A 30 0.06 7.33 -5.79
N SER A 31 0.96 7.23 -4.84
CA SER A 31 2.26 7.88 -4.96
C SER A 31 3.28 6.94 -5.61
N TYR A 32 2.80 5.85 -6.18
CA TYR A 32 3.62 4.87 -6.91
C TYR A 32 4.73 4.26 -6.03
N ASN A 33 4.32 3.70 -4.91
CA ASN A 33 5.24 2.99 -4.01
C ASN A 33 4.74 1.62 -3.66
N SER A 34 5.65 0.79 -3.28
CA SER A 34 5.37 -0.54 -2.82
C SER A 34 5.26 -0.54 -1.30
N CYS A 35 4.62 -1.55 -0.76
CA CYS A 35 4.35 -1.60 0.64
C CYS A 35 5.43 -2.27 1.43
N ALA A 36 6.49 -1.56 1.55
CA ALA A 36 7.59 -1.93 2.39
C ALA A 36 7.65 -0.92 3.52
N GLY A 37 7.59 -1.40 4.76
CA GLY A 37 7.60 -0.50 5.88
C GLY A 37 6.20 -0.10 6.28
N CYS A 38 5.24 -0.82 5.76
CA CYS A 38 3.86 -0.52 6.00
C CYS A 38 3.31 -1.40 7.12
N HIS A 39 2.11 -1.08 7.56
CA HIS A 39 1.40 -1.87 8.55
C HIS A 39 0.17 -2.46 7.91
N CYS A 40 0.16 -2.49 6.60
CA CYS A 40 -0.99 -2.96 5.86
C CYS A 40 -1.21 -4.45 5.97
N VAL A 41 -2.40 -4.77 6.37
CA VAL A 41 -2.85 -6.12 6.55
C VAL A 41 -3.67 -6.52 5.33
N GLY A 42 -3.33 -7.64 4.72
CA GLY A 42 -4.05 -8.10 3.54
C GLY A 42 -3.77 -7.21 2.36
N CYS A 43 -2.52 -6.84 2.22
CA CYS A 43 -2.10 -5.93 1.18
C CYS A 43 -2.02 -6.58 -0.18
N LYS A 44 -2.91 -6.22 -1.06
CA LYS A 44 -2.74 -6.56 -2.43
C LYS A 44 -2.37 -5.29 -3.12
N ASN A 45 -1.11 -5.05 -3.22
CA ASN A 45 -0.62 -3.92 -3.92
C ASN A 45 0.11 -4.38 -5.15
N PRO A 46 -0.36 -4.03 -6.33
CA PRO A 46 0.32 -4.41 -7.57
C PRO A 46 1.62 -3.64 -7.73
N HIS A 47 1.81 -2.66 -6.86
CA HIS A 47 3.00 -1.89 -6.85
C HIS A 47 4.16 -2.61 -6.28
N LYS A 48 4.99 -2.98 -7.17
CA LYS A 48 6.28 -3.45 -6.92
C LYS A 48 7.08 -2.83 -8.02
N GLU A 49 7.91 -1.90 -7.67
CA GLU A 49 8.62 -1.12 -8.64
C GLU A 49 9.61 -1.95 -9.39
N ASP A 50 9.67 -1.72 -10.67
CA ASP A 50 10.45 -2.56 -11.56
C ASP A 50 11.93 -2.35 -11.38
N TYR A 51 12.29 -1.20 -10.90
CA TYR A 51 13.67 -0.91 -10.62
C TYR A 51 14.20 -1.82 -9.51
N VAL A 52 15.20 -2.55 -9.85
CA VAL A 52 15.83 -3.47 -8.97
C VAL A 52 17.13 -2.87 -8.48
N SER A 1 14.95 13.63 -4.42
CA SER A 1 14.83 12.26 -3.99
C SER A 1 13.38 11.98 -3.55
N PRO A 2 12.78 10.85 -3.95
CA PRO A 2 11.42 10.51 -3.59
C PRO A 2 11.33 9.67 -2.29
N PRO A 3 10.65 10.17 -1.26
CA PRO A 3 10.41 9.41 -0.04
C PRO A 3 9.29 8.39 -0.27
N LYS A 4 9.26 7.33 0.51
CA LYS A 4 8.25 6.31 0.33
C LYS A 4 7.24 6.34 1.48
N PRO A 5 5.99 6.70 1.18
CA PRO A 5 4.94 6.75 2.17
C PRO A 5 4.49 5.36 2.59
N LYS A 6 3.88 5.28 3.74
CA LYS A 6 3.47 4.02 4.30
C LYS A 6 2.01 4.07 4.67
N CYS A 7 1.38 2.92 4.68
CA CYS A 7 -0.03 2.86 4.93
C CYS A 7 -0.37 1.84 6.00
N ARG A 8 -1.61 1.86 6.40
CA ARG A 8 -2.14 0.98 7.43
C ARG A 8 -3.41 0.31 6.90
N CYS A 9 -3.48 0.22 5.57
CA CYS A 9 -4.62 -0.36 4.84
C CYS A 9 -4.95 -1.74 5.37
N GLY A 10 -6.13 -1.88 5.88
CA GLY A 10 -6.56 -3.11 6.48
C GLY A 10 -7.07 -2.84 7.86
N ILE A 11 -6.41 -1.93 8.52
CA ILE A 11 -6.83 -1.47 9.85
C ILE A 11 -7.50 -0.10 9.67
N SER A 12 -7.28 0.45 8.49
CA SER A 12 -7.73 1.76 8.07
C SER A 12 -9.24 1.99 8.19
N GLY A 13 -10.03 1.02 7.77
CA GLY A 13 -11.45 1.16 7.80
C GLY A 13 -12.03 1.06 6.42
N SER A 14 -12.05 2.17 5.70
CA SER A 14 -12.56 2.19 4.35
C SER A 14 -11.50 1.62 3.40
N SER A 15 -11.52 0.33 3.24
CA SER A 15 -10.63 -0.39 2.37
C SER A 15 -11.32 -1.69 1.98
N ASN A 16 -11.37 -1.97 0.70
CA ASN A 16 -11.99 -3.21 0.23
C ASN A 16 -11.15 -4.40 0.56
N THR A 17 -11.77 -5.56 0.56
CA THR A 17 -11.12 -6.80 0.94
C THR A 17 -10.05 -7.19 -0.10
N LEU A 18 -10.35 -7.02 -1.37
CA LEU A 18 -9.37 -7.30 -2.41
C LEU A 18 -8.57 -6.04 -2.74
N THR A 19 -9.24 -4.94 -2.88
CA THR A 19 -8.64 -3.69 -3.26
C THR A 19 -8.17 -2.92 -2.00
N THR A 20 -7.55 -3.64 -1.06
CA THR A 20 -7.10 -3.05 0.20
C THR A 20 -6.01 -1.98 -0.04
N CYS A 21 -4.88 -2.40 -0.53
CA CYS A 21 -3.82 -1.48 -0.92
C CYS A 21 -3.92 -1.03 -2.36
N ARG A 22 -4.85 -1.61 -3.09
CA ARG A 22 -4.94 -1.33 -4.51
C ARG A 22 -5.94 -0.21 -4.80
N ASN A 23 -6.49 0.38 -3.78
CA ASN A 23 -7.42 1.46 -4.02
C ASN A 23 -6.68 2.78 -3.89
N SER A 24 -7.29 3.84 -4.34
CA SER A 24 -6.68 5.14 -4.39
C SER A 24 -6.36 5.75 -3.02
N ARG A 25 -6.93 5.21 -1.97
CA ARG A 25 -6.71 5.74 -0.64
C ARG A 25 -5.44 5.15 -0.03
N CYS A 26 -4.77 4.30 -0.77
CA CYS A 26 -3.51 3.78 -0.34
C CYS A 26 -2.42 4.72 -0.84
N PRO A 27 -1.75 5.45 0.08
CA PRO A 27 -0.75 6.47 -0.28
C PRO A 27 0.40 5.90 -1.08
N CYS A 28 0.69 4.64 -0.86
CA CYS A 28 1.75 3.95 -1.55
C CYS A 28 1.39 3.80 -3.01
N TYR A 29 0.27 3.13 -3.23
CA TYR A 29 -0.28 2.85 -4.54
C TYR A 29 -0.44 4.13 -5.34
N LYS A 30 -1.06 5.12 -4.73
CA LYS A 30 -1.39 6.36 -5.40
C LYS A 30 -0.11 7.18 -5.73
N SER A 31 0.95 6.96 -4.96
CA SER A 31 2.20 7.66 -5.20
C SER A 31 3.18 6.74 -5.98
N TYR A 32 2.66 5.59 -6.43
CA TYR A 32 3.41 4.62 -7.24
C TYR A 32 4.55 3.95 -6.45
N ASN A 33 4.37 3.82 -5.15
CA ASN A 33 5.36 3.15 -4.30
C ASN A 33 4.83 1.82 -3.82
N SER A 34 5.72 0.98 -3.41
CA SER A 34 5.39 -0.31 -2.90
C SER A 34 5.13 -0.25 -1.39
N CYS A 35 4.52 -1.29 -0.88
CA CYS A 35 4.26 -1.40 0.51
C CYS A 35 5.38 -2.12 1.17
N ALA A 36 6.42 -1.41 1.36
CA ALA A 36 7.55 -1.89 2.08
C ALA A 36 7.71 -1.10 3.37
N GLY A 37 7.37 -1.72 4.47
CA GLY A 37 7.50 -1.07 5.76
C GLY A 37 6.20 -0.52 6.25
N CYS A 38 5.14 -0.93 5.64
CA CYS A 38 3.83 -0.47 5.98
C CYS A 38 3.27 -1.29 7.11
N HIS A 39 2.11 -0.93 7.55
CA HIS A 39 1.41 -1.67 8.57
C HIS A 39 0.11 -2.15 8.01
N CYS A 40 0.09 -2.27 6.68
CA CYS A 40 -1.05 -2.74 5.96
C CYS A 40 -1.25 -4.22 6.19
N VAL A 41 -2.49 -4.61 6.30
CA VAL A 41 -2.87 -5.98 6.59
C VAL A 41 -3.69 -6.49 5.45
N GLY A 42 -3.17 -7.47 4.74
CA GLY A 42 -3.86 -7.97 3.60
C GLY A 42 -3.62 -7.06 2.45
N CYS A 43 -2.37 -6.80 2.21
CA CYS A 43 -1.92 -5.90 1.23
C CYS A 43 -1.91 -6.51 -0.14
N LYS A 44 -2.70 -5.96 -1.03
CA LYS A 44 -2.60 -6.31 -2.41
C LYS A 44 -2.16 -5.06 -3.10
N ASN A 45 -0.88 -4.92 -3.27
CA ASN A 45 -0.34 -3.78 -3.96
C ASN A 45 0.24 -4.27 -5.28
N PRO A 46 -0.24 -3.74 -6.40
CA PRO A 46 0.34 -4.05 -7.73
C PRO A 46 1.76 -3.51 -7.90
N HIS A 47 2.15 -2.59 -7.03
CA HIS A 47 3.47 -2.00 -7.11
C HIS A 47 4.48 -2.88 -6.47
N LYS A 48 4.96 -3.77 -7.25
CA LYS A 48 6.01 -4.68 -6.93
C LYS A 48 6.83 -4.78 -8.17
N GLU A 49 8.02 -5.28 -8.06
CA GLU A 49 8.87 -5.41 -9.20
C GLU A 49 8.39 -6.52 -10.12
N ASP A 50 7.90 -6.12 -11.28
CA ASP A 50 7.49 -7.04 -12.33
C ASP A 50 8.73 -7.58 -12.97
N TYR A 51 9.27 -8.56 -12.32
CA TYR A 51 10.54 -9.14 -12.62
C TYR A 51 10.41 -10.64 -12.71
N VAL A 52 10.63 -11.17 -13.87
CA VAL A 52 10.59 -12.60 -14.06
C VAL A 52 11.99 -13.14 -14.24
N SER A 1 17.20 10.44 -0.42
CA SER A 1 16.15 9.63 -1.01
C SER A 1 14.86 9.88 -0.21
N PRO A 2 13.67 9.73 -0.83
CA PRO A 2 12.41 9.93 -0.15
C PRO A 2 11.91 8.64 0.50
N PRO A 3 11.50 8.69 1.77
CA PRO A 3 10.94 7.53 2.43
C PRO A 3 9.55 7.25 1.86
N LYS A 4 9.30 6.00 1.54
CA LYS A 4 8.04 5.60 0.96
C LYS A 4 6.92 5.78 1.98
N PRO A 5 5.73 6.20 1.52
CA PRO A 5 4.56 6.31 2.39
C PRO A 5 4.26 4.98 3.11
N LYS A 6 3.69 5.08 4.27
CA LYS A 6 3.35 3.93 5.06
C LYS A 6 1.91 4.02 5.53
N CYS A 7 1.14 3.09 5.08
CA CYS A 7 -0.27 3.05 5.30
C CYS A 7 -0.63 1.91 6.26
N ARG A 8 -1.78 2.01 6.91
CA ARG A 8 -2.24 0.99 7.84
C ARG A 8 -3.46 0.28 7.25
N CYS A 9 -3.48 0.21 5.93
CA CYS A 9 -4.55 -0.44 5.19
C CYS A 9 -4.67 -1.89 5.66
N GLY A 10 -5.86 -2.31 5.92
CA GLY A 10 -6.09 -3.62 6.45
C GLY A 10 -6.71 -3.49 7.80
N ILE A 11 -6.16 -2.58 8.57
CA ILE A 11 -6.63 -2.31 9.91
C ILE A 11 -7.82 -1.38 9.84
N SER A 12 -7.69 -0.39 8.96
CA SER A 12 -8.72 0.59 8.71
C SER A 12 -8.55 1.09 7.27
N GLY A 13 -9.64 1.42 6.62
CA GLY A 13 -9.53 1.98 5.29
C GLY A 13 -10.76 1.76 4.45
N SER A 14 -10.84 2.46 3.36
CA SER A 14 -11.91 2.34 2.43
C SER A 14 -11.51 1.38 1.31
N SER A 15 -12.48 0.59 0.80
CA SER A 15 -12.24 -0.43 -0.23
C SER A 15 -11.26 -1.48 0.32
N ASN A 16 -11.32 -1.64 1.64
CA ASN A 16 -10.38 -2.42 2.43
C ASN A 16 -10.61 -3.92 2.25
N THR A 17 -11.74 -4.25 1.74
CA THR A 17 -12.17 -5.60 1.52
C THR A 17 -11.33 -6.34 0.45
N LEU A 18 -11.34 -5.84 -0.77
CA LEU A 18 -10.63 -6.51 -1.86
C LEU A 18 -9.38 -5.75 -2.27
N THR A 19 -9.54 -4.50 -2.52
CA THR A 19 -8.49 -3.67 -3.04
C THR A 19 -7.92 -2.80 -1.93
N THR A 20 -7.53 -3.44 -0.84
CA THR A 20 -7.05 -2.80 0.37
C THR A 20 -5.97 -1.72 0.08
N CYS A 21 -4.83 -2.15 -0.40
CA CYS A 21 -3.78 -1.24 -0.82
C CYS A 21 -3.86 -0.85 -2.30
N ARG A 22 -4.79 -1.44 -3.01
CA ARG A 22 -4.87 -1.30 -4.45
C ARG A 22 -5.83 -0.18 -4.88
N ASN A 23 -6.50 0.42 -3.94
CA ASN A 23 -7.46 1.45 -4.30
C ASN A 23 -6.79 2.82 -4.33
N SER A 24 -7.46 3.77 -4.96
CA SER A 24 -6.91 5.10 -5.21
C SER A 24 -6.79 5.96 -3.93
N ARG A 25 -7.19 5.43 -2.79
CA ARG A 25 -7.05 6.16 -1.54
C ARG A 25 -5.89 5.63 -0.72
N CYS A 26 -5.15 4.69 -1.28
CA CYS A 26 -3.95 4.20 -0.63
C CYS A 26 -2.79 5.08 -1.07
N PRO A 27 -2.11 5.76 -0.11
CA PRO A 27 -1.02 6.72 -0.40
C PRO A 27 0.12 6.11 -1.18
N CYS A 28 0.42 4.87 -0.88
CA CYS A 28 1.52 4.16 -1.51
C CYS A 28 1.23 3.90 -2.95
N TYR A 29 0.13 3.22 -3.19
CA TYR A 29 -0.33 2.85 -4.52
C TYR A 29 -0.42 4.06 -5.45
N LYS A 30 -1.09 5.10 -4.99
CA LYS A 30 -1.32 6.27 -5.81
C LYS A 30 0.02 7.00 -6.07
N SER A 31 0.94 6.91 -5.13
CA SER A 31 2.22 7.56 -5.29
C SER A 31 3.23 6.61 -5.98
N TYR A 32 2.75 5.44 -6.43
CA TYR A 32 3.55 4.44 -7.18
C TYR A 32 4.63 3.76 -6.30
N ASN A 33 4.41 3.75 -5.00
CA ASN A 33 5.35 3.15 -4.06
C ASN A 33 4.89 1.80 -3.57
N SER A 34 5.83 0.95 -3.20
CA SER A 34 5.55 -0.37 -2.68
C SER A 34 5.25 -0.32 -1.18
N CYS A 35 4.48 -1.29 -0.68
CA CYS A 35 4.07 -1.31 0.72
C CYS A 35 4.97 -2.11 1.62
N ALA A 36 6.15 -2.43 1.14
CA ALA A 36 7.15 -3.06 1.97
C ALA A 36 7.62 -2.05 2.99
N GLY A 37 7.29 -2.26 4.24
CA GLY A 37 7.64 -1.32 5.27
C GLY A 37 6.44 -0.55 5.78
N CYS A 38 5.26 -0.99 5.38
CA CYS A 38 4.03 -0.39 5.87
C CYS A 38 3.48 -1.23 7.00
N HIS A 39 2.39 -0.78 7.57
CA HIS A 39 1.74 -1.49 8.62
C HIS A 39 0.45 -2.07 8.04
N CYS A 40 0.44 -2.22 6.73
CA CYS A 40 -0.70 -2.74 6.04
C CYS A 40 -0.80 -4.24 6.15
N VAL A 41 -2.00 -4.71 6.32
CA VAL A 41 -2.30 -6.11 6.51
C VAL A 41 -3.17 -6.58 5.35
N GLY A 42 -2.69 -7.56 4.62
CA GLY A 42 -3.42 -8.05 3.47
C GLY A 42 -3.30 -7.07 2.35
N CYS A 43 -2.12 -6.52 2.25
CA CYS A 43 -1.79 -5.54 1.26
C CYS A 43 -1.76 -6.12 -0.11
N LYS A 44 -2.72 -5.75 -0.91
CA LYS A 44 -2.65 -6.09 -2.29
C LYS A 44 -2.18 -4.85 -2.99
N ASN A 45 -0.91 -4.73 -3.19
CA ASN A 45 -0.35 -3.62 -3.90
C ASN A 45 0.22 -4.13 -5.21
N PRO A 46 -0.33 -3.69 -6.36
CA PRO A 46 0.17 -4.09 -7.68
C PRO A 46 1.58 -3.55 -7.96
N HIS A 47 2.04 -2.62 -7.14
CA HIS A 47 3.34 -2.05 -7.31
C HIS A 47 4.43 -2.91 -6.79
N LYS A 48 4.97 -3.66 -7.69
CA LYS A 48 6.09 -4.47 -7.45
C LYS A 48 6.95 -4.36 -8.70
N GLU A 49 7.47 -3.18 -8.89
CA GLU A 49 8.42 -2.91 -9.92
C GLU A 49 9.66 -3.65 -9.52
N ASP A 50 10.23 -4.39 -10.40
CA ASP A 50 11.35 -5.20 -9.99
C ASP A 50 12.64 -4.48 -10.16
N TYR A 51 12.90 -3.70 -9.20
CA TYR A 51 14.13 -3.01 -9.09
C TYR A 51 14.95 -3.69 -8.03
N VAL A 52 16.19 -3.92 -8.31
CA VAL A 52 17.04 -4.62 -7.40
C VAL A 52 17.78 -3.63 -6.55
N SER A 1 13.10 14.72 6.70
CA SER A 1 13.42 13.42 6.17
C SER A 1 12.21 12.86 5.43
N PRO A 2 12.19 12.93 4.09
CA PRO A 2 11.06 12.46 3.30
C PRO A 2 11.02 10.93 3.25
N PRO A 3 10.00 10.33 3.82
CA PRO A 3 9.84 8.91 3.75
C PRO A 3 9.06 8.50 2.52
N LYS A 4 9.20 7.28 2.11
CA LYS A 4 8.37 6.78 1.06
C LYS A 4 7.03 6.43 1.68
N PRO A 5 5.92 6.84 1.03
CA PRO A 5 4.56 6.68 1.56
C PRO A 5 4.27 5.29 2.06
N LYS A 6 3.72 5.25 3.23
CA LYS A 6 3.44 4.04 3.92
C LYS A 6 2.04 4.09 4.45
N CYS A 7 1.44 2.96 4.60
CA CYS A 7 0.06 2.88 5.00
C CYS A 7 -0.14 1.87 6.09
N ARG A 8 -1.35 1.81 6.59
CA ARG A 8 -1.74 0.91 7.65
C ARG A 8 -3.10 0.30 7.29
N CYS A 9 -3.28 0.04 6.01
CA CYS A 9 -4.52 -0.53 5.49
C CYS A 9 -4.80 -1.91 6.11
N GLY A 10 -6.06 -2.22 6.28
CA GLY A 10 -6.44 -3.49 6.82
C GLY A 10 -6.67 -3.46 8.31
N ILE A 11 -6.13 -2.45 8.96
CA ILE A 11 -6.24 -2.31 10.40
C ILE A 11 -7.61 -1.75 10.80
N SER A 12 -8.00 -0.65 10.19
CA SER A 12 -9.22 0.02 10.55
C SER A 12 -10.10 0.29 9.33
N GLY A 13 -10.78 -0.76 8.87
CA GLY A 13 -11.73 -0.65 7.78
C GLY A 13 -11.11 -0.51 6.40
N SER A 14 -10.40 0.61 6.21
CA SER A 14 -9.77 0.99 4.94
C SER A 14 -10.84 1.31 3.88
N SER A 15 -10.41 1.69 2.69
CA SER A 15 -11.34 2.04 1.63
C SER A 15 -11.99 0.76 1.11
N ASN A 16 -11.20 -0.26 1.03
CA ASN A 16 -11.63 -1.57 0.65
C ASN A 16 -10.72 -2.51 1.38
N THR A 17 -11.29 -3.47 2.08
CA THR A 17 -10.52 -4.39 2.88
C THR A 17 -9.80 -5.45 2.01
N LEU A 18 -10.35 -5.74 0.84
CA LEU A 18 -9.73 -6.71 -0.05
C LEU A 18 -8.70 -6.00 -0.90
N THR A 19 -9.07 -4.87 -1.39
CA THR A 19 -8.33 -4.09 -2.35
C THR A 19 -7.74 -2.87 -1.63
N THR A 20 -7.18 -3.14 -0.46
CA THR A 20 -6.64 -2.16 0.44
C THR A 20 -5.64 -1.20 -0.22
N CYS A 21 -4.56 -1.77 -0.63
CA CYS A 21 -3.47 -1.06 -1.21
C CYS A 21 -3.56 -0.91 -2.71
N ARG A 22 -4.56 -1.52 -3.29
CA ARG A 22 -4.69 -1.54 -4.74
C ARG A 22 -5.65 -0.44 -5.23
N ASN A 23 -6.27 0.25 -4.32
CA ASN A 23 -7.18 1.31 -4.73
C ASN A 23 -6.50 2.66 -4.56
N SER A 24 -7.00 3.66 -5.25
CA SER A 24 -6.38 4.97 -5.30
C SER A 24 -6.40 5.75 -3.98
N ARG A 25 -7.08 5.26 -2.97
CA ARG A 25 -7.11 5.97 -1.70
C ARG A 25 -5.95 5.53 -0.82
N CYS A 26 -5.22 4.53 -1.26
CA CYS A 26 -4.03 4.09 -0.54
C CYS A 26 -2.88 5.00 -0.97
N PRO A 27 -2.20 5.64 0.01
CA PRO A 27 -1.11 6.59 -0.26
C PRO A 27 0.00 5.96 -1.08
N CYS A 28 0.26 4.69 -0.83
CA CYS A 28 1.30 3.97 -1.52
C CYS A 28 0.99 3.86 -2.98
N TYR A 29 -0.16 3.32 -3.28
CA TYR A 29 -0.62 3.12 -4.64
C TYR A 29 -0.66 4.45 -5.41
N LYS A 30 -1.26 5.45 -4.80
CA LYS A 30 -1.45 6.73 -5.44
C LYS A 30 -0.10 7.47 -5.58
N SER A 31 0.83 7.21 -4.67
CA SER A 31 2.14 7.81 -4.73
C SER A 31 3.20 6.85 -5.28
N TYR A 32 2.75 5.83 -6.02
CA TYR A 32 3.60 4.91 -6.83
C TYR A 32 4.61 4.09 -5.99
N ASN A 33 4.26 3.77 -4.78
CA ASN A 33 5.16 3.04 -3.89
C ASN A 33 4.61 1.70 -3.45
N SER A 34 5.51 0.81 -3.15
CA SER A 34 5.22 -0.47 -2.65
C SER A 34 4.95 -0.39 -1.14
N CYS A 35 4.58 -1.51 -0.55
CA CYS A 35 4.22 -1.53 0.84
C CYS A 35 5.25 -2.18 1.73
N ALA A 36 6.46 -2.27 1.22
CA ALA A 36 7.57 -2.71 2.02
C ALA A 36 7.83 -1.69 3.12
N GLY A 37 7.49 -2.06 4.33
CA GLY A 37 7.66 -1.16 5.44
C GLY A 37 6.36 -0.57 5.93
N CYS A 38 5.25 -1.14 5.50
CA CYS A 38 3.94 -0.65 5.91
C CYS A 38 3.35 -1.49 7.02
N HIS A 39 2.24 -1.03 7.56
CA HIS A 39 1.51 -1.73 8.64
C HIS A 39 0.26 -2.37 8.06
N CYS A 40 0.19 -2.43 6.76
CA CYS A 40 -0.97 -2.94 6.09
C CYS A 40 -1.04 -4.45 6.11
N VAL A 41 -2.21 -4.92 6.39
CA VAL A 41 -2.50 -6.33 6.44
C VAL A 41 -3.59 -6.59 5.41
N GLY A 42 -3.39 -7.58 4.57
CA GLY A 42 -4.34 -7.83 3.51
C GLY A 42 -4.02 -6.94 2.32
N CYS A 43 -2.76 -6.61 2.21
CA CYS A 43 -2.23 -5.71 1.23
C CYS A 43 -2.12 -6.32 -0.14
N LYS A 44 -2.91 -5.81 -1.04
CA LYS A 44 -2.72 -6.15 -2.42
C LYS A 44 -2.12 -4.93 -3.03
N ASN A 45 -0.83 -4.85 -3.12
CA ASN A 45 -0.23 -3.72 -3.78
C ASN A 45 0.39 -4.19 -5.08
N PRO A 46 -0.17 -3.79 -6.24
CA PRO A 46 0.39 -4.14 -7.56
C PRO A 46 1.77 -3.52 -7.79
N HIS A 47 2.18 -2.62 -6.92
CA HIS A 47 3.48 -2.03 -6.98
C HIS A 47 4.42 -2.87 -6.16
N LYS A 48 5.10 -3.76 -6.82
CA LYS A 48 6.04 -4.63 -6.14
C LYS A 48 7.26 -3.82 -5.83
N GLU A 49 7.84 -4.08 -4.72
CA GLU A 49 9.03 -3.40 -4.32
C GLU A 49 10.19 -3.82 -5.19
N ASP A 50 10.71 -2.86 -5.91
CA ASP A 50 11.81 -3.07 -6.86
C ASP A 50 13.08 -3.37 -6.11
N TYR A 51 13.13 -2.87 -4.93
CA TYR A 51 14.25 -3.07 -4.06
C TYR A 51 13.97 -4.27 -3.17
N VAL A 52 14.57 -5.37 -3.47
CA VAL A 52 14.43 -6.55 -2.69
C VAL A 52 15.78 -7.04 -2.23
N SER A 1 17.10 8.83 1.38
CA SER A 1 15.75 8.86 0.93
C SER A 1 14.84 9.03 2.14
N PRO A 2 14.03 10.11 2.17
CA PRO A 2 13.11 10.35 3.27
C PRO A 2 12.04 9.26 3.31
N PRO A 3 11.57 8.88 4.51
CA PRO A 3 10.53 7.85 4.68
C PRO A 3 9.34 8.08 3.77
N LYS A 4 9.00 7.05 3.04
CA LYS A 4 7.87 7.08 2.14
C LYS A 4 6.59 7.01 2.97
N PRO A 5 5.43 7.35 2.41
CA PRO A 5 4.21 7.21 3.14
C PRO A 5 3.86 5.75 3.28
N LYS A 6 3.63 5.37 4.48
CA LYS A 6 3.41 4.00 4.80
C LYS A 6 1.98 3.76 5.24
N CYS A 7 1.30 2.96 4.45
CA CYS A 7 -0.12 2.74 4.60
C CYS A 7 -0.44 1.75 5.72
N ARG A 8 -1.66 1.87 6.21
CA ARG A 8 -2.15 1.11 7.35
C ARG A 8 -3.45 0.40 6.94
N CYS A 9 -3.52 0.13 5.65
CA CYS A 9 -4.66 -0.50 5.00
C CYS A 9 -5.02 -1.84 5.67
N GLY A 10 -6.25 -1.98 6.05
CA GLY A 10 -6.68 -3.20 6.68
C GLY A 10 -7.05 -2.89 8.09
N ILE A 11 -6.22 -2.12 8.72
CA ILE A 11 -6.46 -1.62 10.05
C ILE A 11 -7.31 -0.39 9.89
N SER A 12 -6.93 0.40 8.93
CA SER A 12 -7.64 1.56 8.55
C SER A 12 -8.32 1.24 7.22
N GLY A 13 -9.56 1.69 7.04
CA GLY A 13 -10.32 1.39 5.84
C GLY A 13 -9.97 2.31 4.70
N SER A 14 -10.42 1.97 3.51
CA SER A 14 -10.10 2.76 2.34
C SER A 14 -11.19 2.52 1.27
N SER A 15 -11.41 1.27 0.93
CA SER A 15 -12.43 0.89 -0.04
C SER A 15 -13.03 -0.46 0.37
N ASN A 16 -12.27 -1.48 0.15
CA ASN A 16 -12.62 -2.84 0.46
C ASN A 16 -11.39 -3.53 0.95
N THR A 17 -11.58 -4.62 1.63
CA THR A 17 -10.49 -5.39 2.14
C THR A 17 -9.74 -6.07 0.98
N LEU A 18 -10.48 -6.39 -0.08
CA LEU A 18 -9.91 -7.00 -1.29
C LEU A 18 -9.00 -6.01 -2.03
N THR A 19 -9.26 -4.74 -1.88
CA THR A 19 -8.54 -3.73 -2.60
C THR A 19 -7.86 -2.75 -1.65
N THR A 20 -7.37 -3.25 -0.51
CA THR A 20 -6.72 -2.44 0.53
C THR A 20 -5.69 -1.46 -0.03
N CYS A 21 -4.66 -2.00 -0.61
CA CYS A 21 -3.64 -1.21 -1.26
C CYS A 21 -3.94 -0.95 -2.73
N ARG A 22 -4.99 -1.53 -3.23
CA ARG A 22 -5.29 -1.52 -4.65
C ARG A 22 -6.35 -0.44 -4.99
N ASN A 23 -6.35 0.62 -4.23
CA ASN A 23 -7.28 1.72 -4.47
C ASN A 23 -6.52 3.03 -4.44
N SER A 24 -7.12 4.06 -4.99
CA SER A 24 -6.50 5.37 -5.16
C SER A 24 -6.27 6.12 -3.83
N ARG A 25 -6.74 5.60 -2.72
CA ARG A 25 -6.55 6.26 -1.44
C ARG A 25 -5.35 5.69 -0.72
N CYS A 26 -4.69 4.75 -1.36
CA CYS A 26 -3.51 4.15 -0.80
C CYS A 26 -2.28 4.91 -1.30
N PRO A 27 -1.46 5.45 -0.37
CA PRO A 27 -0.25 6.23 -0.71
C PRO A 27 0.80 5.39 -1.45
N CYS A 28 0.58 4.12 -1.50
CA CYS A 28 1.43 3.27 -2.24
C CYS A 28 0.95 3.16 -3.66
N TYR A 29 -0.30 2.88 -3.80
CA TYR A 29 -0.94 2.76 -5.10
C TYR A 29 -0.88 4.09 -5.87
N LYS A 30 -1.44 5.13 -5.28
CA LYS A 30 -1.61 6.38 -6.00
C LYS A 30 -0.31 7.21 -6.03
N SER A 31 0.44 7.21 -4.95
CA SER A 31 1.66 8.00 -4.88
C SER A 31 2.86 7.24 -5.45
N TYR A 32 2.58 6.02 -5.91
CA TYR A 32 3.57 5.14 -6.52
C TYR A 32 4.69 4.74 -5.58
N ASN A 33 4.33 4.04 -4.54
CA ASN A 33 5.28 3.47 -3.60
C ASN A 33 4.98 2.00 -3.41
N SER A 34 5.95 1.29 -2.93
CA SER A 34 5.80 -0.10 -2.66
C SER A 34 5.61 -0.31 -1.16
N CYS A 35 4.99 -1.42 -0.78
CA CYS A 35 4.74 -1.70 0.61
C CYS A 35 5.94 -2.32 1.28
N ALA A 36 6.95 -1.52 1.40
CA ALA A 36 8.15 -1.90 2.08
C ALA A 36 8.15 -1.30 3.47
N GLY A 37 7.73 -2.08 4.43
CA GLY A 37 7.69 -1.62 5.79
C GLY A 37 6.33 -1.05 6.18
N CYS A 38 5.34 -1.24 5.34
CA CYS A 38 3.99 -0.76 5.64
C CYS A 38 3.35 -1.70 6.64
N HIS A 39 2.44 -1.19 7.43
CA HIS A 39 1.78 -1.99 8.45
C HIS A 39 0.37 -2.34 8.05
N CYS A 40 0.16 -2.39 6.76
CA CYS A 40 -1.09 -2.81 6.21
C CYS A 40 -1.18 -4.33 6.31
N VAL A 41 -2.38 -4.82 6.51
CA VAL A 41 -2.58 -6.24 6.73
C VAL A 41 -3.17 -6.89 5.49
N GLY A 42 -2.39 -7.83 4.91
CA GLY A 42 -2.83 -8.59 3.74
C GLY A 42 -3.11 -7.72 2.55
N CYS A 43 -2.31 -6.69 2.38
CA CYS A 43 -2.51 -5.70 1.37
C CYS A 43 -2.38 -6.27 -0.02
N LYS A 44 -3.24 -5.85 -0.88
CA LYS A 44 -3.09 -6.21 -2.25
C LYS A 44 -2.63 -5.01 -2.99
N ASN A 45 -1.34 -4.93 -3.16
CA ASN A 45 -0.75 -3.85 -3.90
C ASN A 45 -0.23 -4.46 -5.17
N PRO A 46 -0.75 -4.03 -6.31
CA PRO A 46 -0.30 -4.52 -7.62
C PRO A 46 1.21 -4.40 -7.80
N HIS A 47 1.79 -3.35 -7.29
CA HIS A 47 3.19 -3.12 -7.46
C HIS A 47 3.95 -3.19 -6.15
N LYS A 48 4.58 -4.31 -5.96
CA LYS A 48 5.39 -4.61 -4.80
C LYS A 48 6.17 -5.87 -5.10
N GLU A 49 6.95 -6.34 -4.18
CA GLU A 49 7.76 -7.49 -4.43
C GLU A 49 6.99 -8.78 -4.14
N ASP A 50 6.54 -9.40 -5.19
CA ASP A 50 5.80 -10.66 -5.12
C ASP A 50 6.77 -11.82 -5.07
N TYR A 51 6.60 -12.70 -4.11
CA TYR A 51 7.50 -13.79 -3.98
C TYR A 51 7.00 -15.02 -4.68
N VAL A 52 7.69 -15.35 -5.72
CA VAL A 52 7.42 -16.46 -6.55
C VAL A 52 8.64 -17.35 -6.57
N SER A 1 17.91 6.75 -0.52
CA SER A 1 16.62 6.11 -0.41
C SER A 1 15.52 7.16 -0.51
N PRO A 2 14.55 6.97 -1.41
CA PRO A 2 13.41 7.86 -1.52
C PRO A 2 12.36 7.54 -0.45
N PRO A 3 11.88 8.54 0.29
CA PRO A 3 10.90 8.35 1.36
C PRO A 3 9.56 7.88 0.81
N LYS A 4 9.07 6.79 1.35
CA LYS A 4 7.80 6.26 0.93
C LYS A 4 6.81 6.40 2.07
N PRO A 5 5.60 6.90 1.81
CA PRO A 5 4.56 6.94 2.82
C PRO A 5 4.13 5.53 3.15
N LYS A 6 4.06 5.26 4.40
CA LYS A 6 3.79 3.94 4.87
C LYS A 6 2.36 3.81 5.30
N CYS A 7 1.63 3.07 4.53
CA CYS A 7 0.22 2.90 4.74
C CYS A 7 -0.06 1.78 5.74
N ARG A 8 -1.03 2.03 6.58
CA ARG A 8 -1.39 1.12 7.67
C ARG A 8 -2.80 0.59 7.36
N CYS A 9 -2.99 0.34 6.07
CA CYS A 9 -4.23 -0.13 5.50
C CYS A 9 -4.60 -1.51 6.03
N GLY A 10 -5.87 -1.82 6.05
CA GLY A 10 -6.30 -3.14 6.47
C GLY A 10 -6.63 -3.17 7.93
N ILE A 11 -5.85 -2.43 8.70
CA ILE A 11 -6.11 -2.28 10.12
C ILE A 11 -7.27 -1.29 10.25
N SER A 12 -7.38 -0.48 9.25
CA SER A 12 -8.44 0.43 9.11
C SER A 12 -8.83 0.42 7.62
N GLY A 13 -10.06 0.10 7.36
CA GLY A 13 -10.56 0.02 6.02
C GLY A 13 -12.00 -0.41 6.05
N SER A 14 -12.86 0.39 5.51
CA SER A 14 -14.27 0.11 5.54
C SER A 14 -14.66 -0.96 4.49
N SER A 15 -14.74 -2.22 4.95
CA SER A 15 -15.23 -3.37 4.16
C SER A 15 -14.25 -3.82 3.04
N ASN A 16 -13.62 -2.88 2.37
CA ASN A 16 -12.71 -3.19 1.28
C ASN A 16 -11.40 -3.72 1.85
N THR A 17 -11.33 -5.02 1.94
CA THR A 17 -10.18 -5.71 2.46
C THR A 17 -9.47 -6.48 1.31
N LEU A 18 -10.00 -6.32 0.10
CA LEU A 18 -9.50 -7.05 -1.05
C LEU A 18 -8.68 -6.16 -1.98
N THR A 19 -9.00 -4.90 -2.02
CA THR A 19 -8.34 -3.97 -2.91
C THR A 19 -7.78 -2.80 -2.07
N THR A 20 -7.53 -3.10 -0.81
CA THR A 20 -7.08 -2.17 0.21
C THR A 20 -5.91 -1.29 -0.28
N CYS A 21 -4.79 -1.91 -0.59
CA CYS A 21 -3.62 -1.22 -1.09
C CYS A 21 -3.64 -1.04 -2.60
N ARG A 22 -4.64 -1.59 -3.26
CA ARG A 22 -4.69 -1.54 -4.71
C ARG A 22 -5.71 -0.46 -5.20
N ASN A 23 -6.10 0.45 -4.32
CA ASN A 23 -7.04 1.47 -4.75
C ASN A 23 -6.53 2.86 -4.40
N SER A 24 -7.15 3.87 -4.99
CA SER A 24 -6.73 5.26 -4.90
C SER A 24 -6.80 5.87 -3.47
N ARG A 25 -7.44 5.18 -2.54
CA ARG A 25 -7.52 5.66 -1.16
C ARG A 25 -6.22 5.33 -0.43
N CYS A 26 -5.41 4.50 -1.05
CA CYS A 26 -4.15 4.10 -0.49
C CYS A 26 -3.04 5.06 -0.94
N PRO A 27 -2.42 5.79 0.02
CA PRO A 27 -1.40 6.80 -0.27
C PRO A 27 -0.09 6.19 -0.78
N CYS A 28 0.02 4.90 -0.63
CA CYS A 28 1.18 4.18 -1.05
C CYS A 28 1.00 3.84 -2.54
N TYR A 29 -0.19 3.35 -2.85
CA TYR A 29 -0.57 2.93 -4.19
C TYR A 29 -0.63 4.09 -5.14
N LYS A 30 -1.28 5.18 -4.73
CA LYS A 30 -1.49 6.31 -5.63
C LYS A 30 -0.17 7.08 -5.82
N SER A 31 0.81 6.77 -5.00
CA SER A 31 2.11 7.37 -5.11
C SER A 31 3.03 6.38 -5.86
N TYR A 32 2.41 5.26 -6.31
CA TYR A 32 3.03 4.21 -7.12
C TYR A 32 4.18 3.54 -6.37
N ASN A 33 4.08 3.58 -5.07
CA ASN A 33 5.08 3.05 -4.18
C ASN A 33 4.75 1.64 -3.74
N SER A 34 5.76 0.94 -3.37
CA SER A 34 5.66 -0.40 -2.89
C SER A 34 5.47 -0.43 -1.37
N CYS A 35 4.84 -1.47 -0.87
CA CYS A 35 4.58 -1.62 0.53
C CYS A 35 5.75 -2.25 1.21
N ALA A 36 6.75 -1.46 1.35
CA ALA A 36 7.93 -1.83 2.06
C ALA A 36 7.95 -1.09 3.39
N GLY A 37 7.71 -1.82 4.46
CA GLY A 37 7.71 -1.22 5.77
C GLY A 37 6.34 -0.76 6.18
N CYS A 38 5.36 -1.02 5.33
CA CYS A 38 3.99 -0.63 5.60
C CYS A 38 3.38 -1.62 6.58
N HIS A 39 2.45 -1.17 7.36
CA HIS A 39 1.82 -2.04 8.38
C HIS A 39 0.46 -2.47 7.90
N CYS A 40 0.31 -2.52 6.61
CA CYS A 40 -0.92 -2.88 5.99
C CYS A 40 -1.22 -4.38 6.06
N VAL A 41 -2.46 -4.67 6.31
CA VAL A 41 -2.97 -6.03 6.39
C VAL A 41 -3.96 -6.20 5.23
N GLY A 42 -3.96 -7.35 4.58
CA GLY A 42 -4.83 -7.55 3.45
C GLY A 42 -4.40 -6.66 2.30
N CYS A 43 -3.12 -6.70 2.04
CA CYS A 43 -2.52 -5.84 1.09
C CYS A 43 -2.29 -6.56 -0.21
N LYS A 44 -2.79 -5.99 -1.25
CA LYS A 44 -2.45 -6.44 -2.56
C LYS A 44 -1.93 -5.23 -3.28
N ASN A 45 -0.64 -5.06 -3.28
CA ASN A 45 -0.05 -3.94 -3.96
C ASN A 45 0.68 -4.43 -5.20
N PRO A 46 0.18 -4.09 -6.40
CA PRO A 46 0.82 -4.47 -7.65
C PRO A 46 2.19 -3.81 -7.81
N HIS A 47 2.38 -2.67 -7.17
CA HIS A 47 3.61 -1.91 -7.30
C HIS A 47 4.67 -2.52 -6.44
N LYS A 48 5.80 -2.69 -7.02
CA LYS A 48 6.95 -3.21 -6.34
C LYS A 48 8.04 -2.17 -6.47
N GLU A 49 9.26 -2.53 -6.20
CA GLU A 49 10.34 -1.62 -6.40
C GLU A 49 10.59 -1.53 -7.90
N ASP A 50 10.04 -0.46 -8.51
CA ASP A 50 9.98 -0.24 -9.96
C ASP A 50 9.04 -1.24 -10.59
N TYR A 51 7.99 -0.75 -11.13
CA TYR A 51 6.95 -1.62 -11.63
C TYR A 51 6.37 -1.11 -12.93
N VAL A 52 6.66 -1.82 -13.99
CA VAL A 52 6.11 -1.59 -15.31
C VAL A 52 5.91 -2.96 -15.94
N SER A 1 17.11 11.56 0.44
CA SER A 1 16.08 11.05 -0.42
C SER A 1 14.72 11.26 0.26
N PRO A 2 13.64 11.48 -0.51
CA PRO A 2 12.31 11.66 0.06
C PRO A 2 11.78 10.32 0.59
N PRO A 3 11.06 10.32 1.72
CA PRO A 3 10.51 9.09 2.27
C PRO A 3 9.25 8.68 1.51
N LYS A 4 9.03 7.40 1.40
CA LYS A 4 7.90 6.92 0.67
C LYS A 4 6.69 6.85 1.61
N PRO A 5 5.48 7.02 1.08
CA PRO A 5 4.26 6.88 1.88
C PRO A 5 4.11 5.48 2.45
N LYS A 6 3.48 5.40 3.58
CA LYS A 6 3.25 4.17 4.28
C LYS A 6 1.82 4.14 4.75
N CYS A 7 1.29 2.97 4.91
CA CYS A 7 -0.11 2.85 5.21
C CYS A 7 -0.35 1.74 6.20
N ARG A 8 -1.49 1.79 6.83
CA ARG A 8 -1.91 0.81 7.80
C ARG A 8 -3.24 0.23 7.35
N CYS A 9 -3.36 0.12 6.02
CA CYS A 9 -4.56 -0.43 5.36
C CYS A 9 -4.88 -1.81 5.92
N GLY A 10 -6.15 -2.08 6.04
CA GLY A 10 -6.58 -3.33 6.60
C GLY A 10 -6.90 -3.18 8.06
N ILE A 11 -6.11 -2.38 8.73
CA ILE A 11 -6.29 -2.13 10.14
C ILE A 11 -7.28 -1.00 10.33
N SER A 12 -7.07 0.06 9.59
CA SER A 12 -7.89 1.24 9.67
C SER A 12 -9.28 1.01 9.05
N GLY A 13 -9.32 0.30 7.95
CA GLY A 13 -10.56 0.06 7.30
C GLY A 13 -10.56 -1.27 6.60
N SER A 14 -11.73 -1.84 6.48
CA SER A 14 -11.92 -3.11 5.82
C SER A 14 -12.90 -2.95 4.66
N SER A 15 -13.10 -1.71 4.21
CA SER A 15 -13.99 -1.45 3.07
C SER A 15 -13.40 -2.12 1.83
N ASN A 16 -12.11 -2.11 1.76
CA ASN A 16 -11.37 -2.75 0.72
C ASN A 16 -10.66 -3.92 1.35
N THR A 17 -10.97 -5.10 0.91
CA THR A 17 -10.35 -6.29 1.47
C THR A 17 -9.23 -6.79 0.57
N LEU A 18 -9.50 -6.78 -0.71
CA LEU A 18 -8.57 -7.18 -1.71
C LEU A 18 -7.95 -5.93 -2.30
N THR A 19 -8.75 -4.92 -2.49
CA THR A 19 -8.31 -3.68 -3.08
C THR A 19 -7.77 -2.71 -2.03
N THR A 20 -7.33 -3.27 -0.90
CA THR A 20 -6.88 -2.54 0.28
C THR A 20 -5.81 -1.50 -0.09
N CYS A 21 -4.69 -1.98 -0.51
CA CYS A 21 -3.60 -1.17 -0.96
C CYS A 21 -3.65 -0.87 -2.44
N ARG A 22 -4.62 -1.47 -3.10
CA ARG A 22 -4.71 -1.45 -4.54
C ARG A 22 -5.63 -0.32 -5.05
N ASN A 23 -6.24 0.40 -4.14
CA ASN A 23 -7.15 1.46 -4.56
C ASN A 23 -6.47 2.80 -4.39
N SER A 24 -7.01 3.81 -5.06
CA SER A 24 -6.41 5.15 -5.10
C SER A 24 -6.38 5.89 -3.73
N ARG A 25 -7.02 5.33 -2.72
CA ARG A 25 -6.99 5.94 -1.40
C ARG A 25 -5.89 5.35 -0.54
N CYS A 26 -5.11 4.47 -1.13
CA CYS A 26 -3.93 3.99 -0.48
C CYS A 26 -2.80 4.92 -0.87
N PRO A 27 -2.17 5.58 0.12
CA PRO A 27 -1.16 6.61 -0.12
C PRO A 27 0.05 6.09 -0.89
N CYS A 28 0.27 4.81 -0.79
CA CYS A 28 1.37 4.17 -1.48
C CYS A 28 1.08 4.03 -2.96
N TYR A 29 -0.01 3.35 -3.24
CA TYR A 29 -0.47 3.03 -4.60
C TYR A 29 -0.49 4.23 -5.53
N LYS A 30 -1.19 5.27 -5.12
CA LYS A 30 -1.39 6.42 -5.96
C LYS A 30 -0.10 7.26 -6.07
N SER A 31 0.83 7.02 -5.18
CA SER A 31 2.09 7.75 -5.19
C SER A 31 3.21 6.86 -5.75
N TYR A 32 2.82 5.76 -6.43
CA TYR A 32 3.74 4.83 -7.13
C TYR A 32 4.60 4.01 -6.18
N ASN A 33 4.17 3.84 -4.96
CA ASN A 33 4.98 3.10 -4.00
C ASN A 33 4.36 1.78 -3.61
N SER A 34 5.21 0.88 -3.26
CA SER A 34 4.88 -0.39 -2.82
C SER A 34 4.72 -0.37 -1.28
N CYS A 35 4.36 -1.50 -0.68
CA CYS A 35 4.07 -1.51 0.74
C CYS A 35 5.06 -2.25 1.61
N ALA A 36 6.24 -2.47 1.12
CA ALA A 36 7.24 -3.11 1.95
C ALA A 36 7.72 -2.10 3.01
N GLY A 37 7.47 -2.40 4.25
CA GLY A 37 7.79 -1.49 5.32
C GLY A 37 6.56 -0.88 5.95
N CYS A 38 5.41 -1.06 5.33
CA CYS A 38 4.15 -0.55 5.87
C CYS A 38 3.67 -1.46 6.97
N HIS A 39 2.55 -1.13 7.58
CA HIS A 39 1.96 -1.99 8.59
C HIS A 39 0.60 -2.48 8.11
N CYS A 40 0.40 -2.37 6.81
CA CYS A 40 -0.83 -2.78 6.18
C CYS A 40 -1.01 -4.29 6.23
N VAL A 41 -2.24 -4.69 6.46
CA VAL A 41 -2.65 -6.08 6.58
C VAL A 41 -3.59 -6.39 5.43
N GLY A 42 -3.33 -7.48 4.74
CA GLY A 42 -4.13 -7.82 3.58
C GLY A 42 -3.76 -6.91 2.45
N CYS A 43 -2.48 -6.70 2.30
CA CYS A 43 -1.97 -5.78 1.35
C CYS A 43 -1.86 -6.36 -0.02
N LYS A 44 -2.70 -5.92 -0.91
CA LYS A 44 -2.51 -6.19 -2.29
C LYS A 44 -2.03 -4.92 -2.90
N ASN A 45 -0.76 -4.78 -2.99
CA ASN A 45 -0.16 -3.63 -3.62
C ASN A 45 0.49 -4.10 -4.90
N PRO A 46 0.01 -3.65 -6.07
CA PRO A 46 0.54 -4.07 -7.38
C PRO A 46 1.99 -3.61 -7.66
N HIS A 47 2.55 -2.81 -6.79
CA HIS A 47 3.90 -2.34 -7.00
C HIS A 47 4.88 -3.21 -6.27
N LYS A 48 5.94 -3.54 -6.94
CA LYS A 48 7.03 -4.26 -6.37
C LYS A 48 8.03 -3.19 -5.93
N GLU A 49 8.88 -3.46 -4.95
CA GLU A 49 9.92 -2.50 -4.61
C GLU A 49 10.80 -2.34 -5.83
N ASP A 50 10.71 -1.18 -6.44
CA ASP A 50 11.33 -0.87 -7.73
C ASP A 50 12.82 -0.79 -7.63
N TYR A 51 13.41 -1.91 -7.62
CA TYR A 51 14.82 -2.05 -7.65
C TYR A 51 15.12 -3.34 -8.40
N VAL A 52 15.16 -3.24 -9.69
CA VAL A 52 15.42 -4.38 -10.55
C VAL A 52 16.91 -4.60 -10.60
N SER A 1 17.94 5.11 -1.19
CA SER A 1 16.55 4.70 -1.15
C SER A 1 15.69 5.87 -0.72
N PRO A 2 14.69 6.23 -1.53
CA PRO A 2 13.75 7.26 -1.15
C PRO A 2 12.72 6.69 -0.17
N PRO A 3 12.43 7.40 0.93
CA PRO A 3 11.43 6.93 1.88
C PRO A 3 10.06 6.93 1.23
N LYS A 4 9.40 5.82 1.28
CA LYS A 4 8.14 5.68 0.64
C LYS A 4 7.00 5.74 1.65
N PRO A 5 5.80 6.16 1.20
CA PRO A 5 4.63 6.28 2.07
C PRO A 5 4.28 4.96 2.74
N LYS A 6 3.78 5.02 3.94
CA LYS A 6 3.38 3.85 4.65
C LYS A 6 1.93 3.98 5.05
N CYS A 7 1.26 2.86 5.09
CA CYS A 7 -0.16 2.85 5.30
C CYS A 7 -0.56 1.80 6.33
N ARG A 8 -1.79 1.92 6.82
CA ARG A 8 -2.36 1.01 7.81
C ARG A 8 -3.58 0.31 7.20
N CYS A 9 -3.56 0.21 5.88
CA CYS A 9 -4.61 -0.44 5.11
C CYS A 9 -4.84 -1.85 5.60
N GLY A 10 -6.06 -2.23 5.78
CA GLY A 10 -6.37 -3.55 6.26
C GLY A 10 -6.78 -3.50 7.69
N ILE A 11 -6.14 -2.62 8.44
CA ILE A 11 -6.48 -2.39 9.82
C ILE A 11 -7.61 -1.40 9.82
N SER A 12 -7.36 -0.31 9.14
CA SER A 12 -8.31 0.73 8.96
C SER A 12 -8.24 1.19 7.50
N GLY A 13 -9.24 0.83 6.75
CA GLY A 13 -9.30 1.17 5.36
C GLY A 13 -10.07 0.14 4.60
N SER A 14 -11.34 0.05 4.92
CA SER A 14 -12.21 -0.90 4.27
C SER A 14 -12.55 -0.44 2.87
N SER A 15 -11.87 -0.99 1.91
CA SER A 15 -12.08 -0.70 0.51
C SER A 15 -11.87 -1.99 -0.28
N ASN A 16 -12.34 -3.09 0.34
CA ASN A 16 -12.20 -4.49 -0.16
C ASN A 16 -10.81 -4.99 0.00
N THR A 17 -10.66 -6.22 0.48
CA THR A 17 -9.37 -6.82 0.70
C THR A 17 -8.67 -7.16 -0.65
N LEU A 18 -9.42 -7.06 -1.73
CA LEU A 18 -8.87 -7.25 -3.07
C LEU A 18 -8.24 -5.97 -3.58
N THR A 19 -8.61 -4.88 -2.98
CA THR A 19 -8.16 -3.60 -3.42
C THR A 19 -7.69 -2.69 -2.28
N THR A 20 -7.31 -3.29 -1.15
CA THR A 20 -6.92 -2.56 0.06
C THR A 20 -5.79 -1.54 -0.23
N CYS A 21 -4.65 -2.04 -0.60
CA CYS A 21 -3.52 -1.23 -0.96
C CYS A 21 -3.50 -0.86 -2.44
N ARG A 22 -4.44 -1.40 -3.15
CA ARG A 22 -4.53 -1.29 -4.59
C ARG A 22 -5.54 -0.20 -5.01
N ASN A 23 -6.02 0.58 -4.07
CA ASN A 23 -6.97 1.63 -4.41
C ASN A 23 -6.35 2.99 -4.11
N SER A 24 -7.01 4.05 -4.53
CA SER A 24 -6.47 5.41 -4.46
C SER A 24 -6.38 5.97 -3.02
N ARG A 25 -6.90 5.27 -2.04
CA ARG A 25 -6.84 5.72 -0.65
C ARG A 25 -5.56 5.25 0.00
N CYS A 26 -4.88 4.37 -0.69
CA CYS A 26 -3.62 3.89 -0.22
C CYS A 26 -2.56 4.85 -0.74
N PRO A 27 -1.87 5.56 0.17
CA PRO A 27 -0.89 6.60 -0.19
C PRO A 27 0.24 6.02 -1.03
N CYS A 28 0.46 4.74 -0.87
CA CYS A 28 1.49 4.02 -1.58
C CYS A 28 1.13 3.89 -3.04
N TYR A 29 -0.01 3.26 -3.28
CA TYR A 29 -0.52 2.99 -4.62
C TYR A 29 -0.66 4.26 -5.44
N LYS A 30 -1.20 5.30 -4.85
CA LYS A 30 -1.43 6.54 -5.55
C LYS A 30 -0.09 7.30 -5.74
N SER A 31 0.94 6.82 -5.10
CA SER A 31 2.27 7.37 -5.25
C SER A 31 3.10 6.38 -6.10
N TYR A 32 2.45 5.31 -6.57
CA TYR A 32 3.06 4.27 -7.41
C TYR A 32 4.14 3.50 -6.66
N ASN A 33 4.06 3.54 -5.35
CA ASN A 33 5.00 2.86 -4.49
C ASN A 33 4.42 1.59 -3.94
N SER A 34 5.29 0.75 -3.50
CA SER A 34 4.99 -0.50 -2.91
C SER A 34 4.74 -0.32 -1.41
N CYS A 35 4.37 -1.40 -0.76
CA CYS A 35 4.17 -1.37 0.63
C CYS A 35 5.32 -2.02 1.35
N ALA A 36 6.43 -1.36 1.32
CA ALA A 36 7.60 -1.79 2.02
C ALA A 36 7.82 -0.88 3.21
N GLY A 37 7.52 -1.37 4.39
CA GLY A 37 7.65 -0.56 5.57
C GLY A 37 6.30 -0.11 6.07
N CYS A 38 5.27 -0.74 5.56
CA CYS A 38 3.93 -0.41 5.93
C CYS A 38 3.46 -1.33 7.02
N HIS A 39 2.35 -1.00 7.58
CA HIS A 39 1.76 -1.80 8.63
C HIS A 39 0.43 -2.30 8.14
N CYS A 40 0.33 -2.38 6.82
CA CYS A 40 -0.87 -2.82 6.15
C CYS A 40 -1.08 -4.32 6.25
N VAL A 41 -2.32 -4.69 6.34
CA VAL A 41 -2.78 -6.04 6.45
C VAL A 41 -3.66 -6.34 5.26
N GLY A 42 -3.47 -7.49 4.64
CA GLY A 42 -4.25 -7.84 3.46
C GLY A 42 -3.88 -6.93 2.32
N CYS A 43 -2.60 -6.68 2.22
CA CYS A 43 -2.05 -5.79 1.27
C CYS A 43 -2.00 -6.40 -0.08
N LYS A 44 -2.82 -5.91 -0.95
CA LYS A 44 -2.69 -6.23 -2.31
C LYS A 44 -2.19 -5.01 -2.99
N ASN A 45 -0.91 -4.91 -3.13
CA ASN A 45 -0.34 -3.83 -3.86
C ASN A 45 0.29 -4.38 -5.12
N PRO A 46 -0.16 -3.97 -6.32
CA PRO A 46 0.47 -4.38 -7.59
C PRO A 46 1.96 -3.97 -7.65
N HIS A 47 2.28 -2.92 -6.90
CA HIS A 47 3.62 -2.42 -6.82
C HIS A 47 4.38 -3.21 -5.80
N LYS A 48 5.65 -3.33 -6.02
CA LYS A 48 6.48 -4.20 -5.24
C LYS A 48 7.90 -3.73 -5.30
N GLU A 49 8.79 -4.37 -4.56
CA GLU A 49 10.19 -4.04 -4.64
C GLU A 49 10.76 -4.73 -5.83
N ASP A 50 10.62 -4.08 -6.93
CA ASP A 50 11.06 -4.57 -8.22
C ASP A 50 11.56 -3.40 -8.99
N TYR A 51 12.78 -3.47 -9.42
CA TYR A 51 13.43 -2.38 -10.12
C TYR A 51 12.73 -2.09 -11.44
N VAL A 52 12.21 -0.88 -11.55
CA VAL A 52 11.49 -0.45 -12.73
C VAL A 52 12.39 -0.40 -13.99
N SER A 1 18.78 4.78 1.69
CA SER A 1 17.65 4.82 0.80
C SER A 1 16.60 5.79 1.33
N PRO A 2 15.95 6.56 0.44
CA PRO A 2 14.90 7.49 0.82
C PRO A 2 13.64 6.74 1.26
N PRO A 3 12.95 7.22 2.32
CA PRO A 3 11.74 6.57 2.81
C PRO A 3 10.56 6.76 1.85
N LYS A 4 9.62 5.87 1.92
CA LYS A 4 8.47 5.90 1.05
C LYS A 4 7.19 5.91 1.89
N PRO A 5 6.00 6.18 1.27
CA PRO A 5 4.73 6.19 1.96
C PRO A 5 4.43 4.87 2.70
N LYS A 6 3.67 4.98 3.75
CA LYS A 6 3.29 3.86 4.55
C LYS A 6 1.81 3.94 4.81
N CYS A 7 1.20 2.81 4.99
CA CYS A 7 -0.21 2.73 5.18
C CYS A 7 -0.53 1.60 6.15
N ARG A 8 -1.75 1.57 6.62
CA ARG A 8 -2.21 0.60 7.62
C ARG A 8 -3.44 -0.12 7.08
N CYS A 9 -3.53 -0.14 5.77
CA CYS A 9 -4.63 -0.77 5.05
C CYS A 9 -4.74 -2.24 5.43
N GLY A 10 -5.74 -2.58 6.19
CA GLY A 10 -5.92 -3.93 6.59
C GLY A 10 -6.14 -4.08 8.06
N ILE A 11 -5.61 -3.14 8.85
CA ILE A 11 -5.85 -3.13 10.30
C ILE A 11 -7.34 -2.92 10.50
N SER A 12 -7.85 -2.02 9.72
CA SER A 12 -9.24 -1.81 9.59
C SER A 12 -9.49 -1.94 8.10
N GLY A 13 -9.71 -3.15 7.66
CA GLY A 13 -9.84 -3.39 6.26
C GLY A 13 -10.85 -4.44 5.96
N SER A 14 -11.94 -4.44 6.70
CA SER A 14 -13.02 -5.32 6.39
C SER A 14 -13.80 -4.68 5.25
N SER A 15 -13.82 -3.37 5.27
CA SER A 15 -14.27 -2.61 4.15
C SER A 15 -13.03 -2.43 3.28
N ASN A 16 -13.03 -3.09 2.10
CA ASN A 16 -11.87 -3.14 1.19
C ASN A 16 -10.81 -4.08 1.74
N THR A 17 -10.96 -5.35 1.48
CA THR A 17 -10.01 -6.34 1.95
C THR A 17 -9.11 -6.82 0.80
N LEU A 18 -9.58 -6.62 -0.42
CA LEU A 18 -8.84 -6.99 -1.61
C LEU A 18 -8.28 -5.75 -2.26
N THR A 19 -9.06 -4.70 -2.25
CA THR A 19 -8.66 -3.45 -2.83
C THR A 19 -8.12 -2.53 -1.70
N THR A 20 -7.55 -3.15 -0.67
CA THR A 20 -7.00 -2.49 0.50
C THR A 20 -5.94 -1.46 0.09
N CYS A 21 -4.87 -1.96 -0.45
CA CYS A 21 -3.81 -1.13 -0.94
C CYS A 21 -3.97 -0.77 -2.40
N ARG A 22 -4.96 -1.32 -3.06
CA ARG A 22 -5.11 -1.13 -4.49
C ARG A 22 -6.09 0.01 -4.84
N ASN A 23 -6.68 0.62 -3.84
CA ASN A 23 -7.60 1.71 -4.11
C ASN A 23 -6.80 3.02 -4.19
N SER A 24 -7.36 4.03 -4.81
CA SER A 24 -6.67 5.28 -5.04
C SER A 24 -6.47 6.13 -3.77
N ARG A 25 -6.97 5.66 -2.64
CA ARG A 25 -6.79 6.36 -1.40
C ARG A 25 -5.66 5.73 -0.61
N CYS A 26 -5.01 4.73 -1.18
CA CYS A 26 -3.85 4.17 -0.55
C CYS A 26 -2.66 5.01 -0.98
N PRO A 27 -1.97 5.66 -0.01
CA PRO A 27 -0.87 6.59 -0.30
C PRO A 27 0.24 5.95 -1.13
N CYS A 28 0.46 4.68 -0.92
CA CYS A 28 1.49 3.94 -1.62
C CYS A 28 1.15 3.77 -3.08
N TYR A 29 -0.03 3.23 -3.33
CA TYR A 29 -0.54 2.93 -4.65
C TYR A 29 -0.50 4.14 -5.57
N LYS A 30 -1.04 5.26 -5.11
CA LYS A 30 -1.10 6.47 -5.91
C LYS A 30 0.31 7.10 -6.07
N SER A 31 1.18 6.84 -5.11
CA SER A 31 2.54 7.35 -5.17
C SER A 31 3.41 6.39 -6.00
N TYR A 32 2.79 5.27 -6.43
CA TYR A 32 3.43 4.24 -7.26
C TYR A 32 4.50 3.48 -6.49
N ASN A 33 4.40 3.54 -5.18
CA ASN A 33 5.35 2.91 -4.29
C ASN A 33 4.87 1.57 -3.80
N SER A 34 5.79 0.84 -3.24
CA SER A 34 5.56 -0.44 -2.68
C SER A 34 5.19 -0.31 -1.21
N CYS A 35 4.65 -1.36 -0.63
CA CYS A 35 4.32 -1.33 0.76
C CYS A 35 5.44 -1.92 1.58
N ALA A 36 6.50 -1.18 1.62
CA ALA A 36 7.66 -1.52 2.38
C ALA A 36 7.77 -0.54 3.52
N GLY A 37 7.60 -1.04 4.71
CA GLY A 37 7.62 -0.19 5.86
C GLY A 37 6.22 0.16 6.30
N CYS A 38 5.27 -0.58 5.76
CA CYS A 38 3.88 -0.36 6.03
C CYS A 38 3.40 -1.27 7.14
N HIS A 39 2.22 -0.99 7.62
CA HIS A 39 1.63 -1.77 8.67
C HIS A 39 0.33 -2.35 8.12
N CYS A 40 0.30 -2.51 6.80
CA CYS A 40 -0.87 -3.02 6.11
C CYS A 40 -0.94 -4.54 6.18
N VAL A 41 -2.15 -5.05 6.29
CA VAL A 41 -2.42 -6.47 6.46
C VAL A 41 -3.48 -6.86 5.45
N GLY A 42 -3.14 -7.73 4.53
CA GLY A 42 -4.04 -8.07 3.46
C GLY A 42 -3.80 -7.11 2.32
N CYS A 43 -2.55 -6.82 2.12
CA CYS A 43 -2.08 -5.87 1.17
C CYS A 43 -2.01 -6.43 -0.23
N LYS A 44 -2.89 -5.99 -1.07
CA LYS A 44 -2.75 -6.28 -2.45
C LYS A 44 -2.36 -4.99 -3.15
N ASN A 45 -1.08 -4.78 -3.27
CA ASN A 45 -0.54 -3.66 -3.98
C ASN A 45 0.18 -4.13 -5.23
N PRO A 46 -0.35 -3.82 -6.42
CA PRO A 46 0.30 -4.20 -7.68
C PRO A 46 1.59 -3.40 -7.91
N HIS A 47 1.77 -2.35 -7.15
CA HIS A 47 2.97 -1.55 -7.25
C HIS A 47 4.07 -2.13 -6.44
N LYS A 48 4.98 -2.73 -7.12
CA LYS A 48 6.12 -3.32 -6.50
C LYS A 48 7.24 -2.32 -6.64
N GLU A 49 8.29 -2.46 -5.87
CA GLU A 49 9.39 -1.58 -6.07
C GLU A 49 10.26 -2.11 -7.19
N ASP A 50 9.82 -1.76 -8.36
CA ASP A 50 10.42 -2.19 -9.60
C ASP A 50 11.22 -1.06 -10.16
N TYR A 51 10.92 0.10 -9.62
CA TYR A 51 11.48 1.34 -10.06
C TYR A 51 12.82 1.57 -9.38
N VAL A 52 13.87 1.34 -10.11
CA VAL A 52 15.22 1.50 -9.64
C VAL A 52 16.03 2.29 -10.65
#